data_8HP3
#
_entry.id   8HP3
#
_cell.length_a   101.730
_cell.length_b   189.600
_cell.length_c   101.820
_cell.angle_alpha   90.00
_cell.angle_beta   90.00
_cell.angle_gamma   90.00
#
_symmetry.space_group_name_H-M   'C 2 2 21'
#
loop_
_entity.id
_entity.type
_entity.pdbx_description
1 polymer 'Meso-diaminopimelate D-dehydrogenase'
2 non-polymer 'NADPH DIHYDRO-NICOTINAMIDE-ADENINE-DINUCLEOTIDE PHOSPHATE'
3 non-polymer 'SULFATE ION'
4 non-polymer 1,2-ETHANEDIOL
5 water water
#
_entity_poly.entity_id   1
_entity_poly.type   'polypeptide(L)'
_entity_poly.pdbx_seq_one_letter_code
;MKKIRAAIVGYGNIGKFTVEAVEAAEDFELVGIVRRQGAENKPAELAPYKVVQDIKELEGVDVAILATPSRSCKEYAEKI
LPLGINTVDSFDIHTDIVDYRSALMPLCKEHHAVSIISAGWDPGSDSVVRTLMQSLAPKGLSYTNFGPGMSMGHSVCARS
KKGVKNALSMTIPLGEGIHRRMVYVELEEGATLDEVTKEIKADPYFAHDETHVMAVDSVDAVKDMGHGVHLVRKGVSGKT
QNQRMEFSMSINNPALTAQVLVNVARASMHQQPGCYTMVEIPVIDLLAGEREDLIKALV
;
_entity_poly.pdbx_strand_id   A,B,C
#
# COMPACT_ATOMS: atom_id res chain seq x y z
N LYS A 2 -14.79 -11.60 -21.65
CA LYS A 2 -14.49 -12.13 -20.31
C LYS A 2 -13.13 -11.58 -19.85
N LYS A 3 -12.05 -11.82 -20.59
CA LYS A 3 -10.70 -11.27 -20.29
C LYS A 3 -10.33 -10.12 -21.22
N ILE A 4 -9.41 -9.26 -20.79
CA ILE A 4 -8.97 -8.07 -21.59
C ILE A 4 -7.67 -8.42 -22.33
N ARG A 5 -7.65 -8.15 -23.63
CA ARG A 5 -6.52 -8.46 -24.54
C ARG A 5 -5.64 -7.22 -24.65
N ALA A 6 -4.52 -7.25 -23.96
CA ALA A 6 -3.60 -6.09 -23.83
C ALA A 6 -2.33 -6.36 -24.62
N ALA A 7 -1.88 -5.36 -25.35
CA ALA A 7 -0.53 -5.33 -25.96
C ALA A 7 0.29 -4.24 -25.26
N ILE A 8 1.56 -4.52 -25.00
CA ILE A 8 2.53 -3.57 -24.37
C ILE A 8 3.45 -3.03 -25.47
N VAL A 9 3.57 -1.70 -25.56
CA VAL A 9 4.42 -1.01 -26.57
C VAL A 9 5.67 -0.45 -25.86
N GLY A 10 6.80 -1.12 -26.02
CA GLY A 10 8.07 -0.79 -25.35
C GLY A 10 8.35 -1.79 -24.25
N TYR A 11 9.55 -2.39 -24.27
CA TYR A 11 10.03 -3.31 -23.21
C TYR A 11 11.23 -2.68 -22.51
N GLY A 12 11.07 -1.41 -22.15
CA GLY A 12 11.92 -0.72 -21.18
C GLY A 12 11.61 -1.18 -19.76
N ASN A 13 12.04 -0.42 -18.77
CA ASN A 13 11.93 -0.79 -17.34
C ASN A 13 10.46 -1.01 -17.01
N ILE A 14 9.62 -0.05 -17.38
CA ILE A 14 8.16 -0.16 -17.18
C ILE A 14 7.67 -1.41 -17.89
N GLY A 15 7.89 -1.50 -19.21
CA GLY A 15 7.50 -2.69 -19.98
C GLY A 15 7.68 -3.97 -19.17
N LYS A 16 8.87 -4.18 -18.61
CA LYS A 16 9.28 -5.42 -17.90
C LYS A 16 8.26 -5.71 -16.81
N PHE A 17 7.95 -4.69 -16.01
CA PHE A 17 7.04 -4.77 -14.83
C PHE A 17 5.60 -4.83 -15.31
N THR A 18 5.27 -4.14 -16.40
CA THR A 18 3.93 -4.21 -17.03
C THR A 18 3.63 -5.65 -17.45
N VAL A 19 4.60 -6.37 -17.98
CA VAL A 19 4.40 -7.83 -18.28
C VAL A 19 4.00 -8.48 -16.96
N GLU A 20 4.79 -8.27 -15.91
CA GLU A 20 4.62 -8.93 -14.59
C GLU A 20 3.22 -8.62 -14.05
N ALA A 21 2.71 -7.42 -14.32
CA ALA A 21 1.43 -6.89 -13.80
C ALA A 21 0.25 -7.47 -14.59
N VAL A 22 0.40 -7.59 -15.90
CA VAL A 22 -0.61 -8.20 -16.82
C VAL A 22 -0.63 -9.72 -16.55
N GLU A 23 0.54 -10.34 -16.37
CA GLU A 23 0.67 -11.78 -16.04
C GLU A 23 -0.15 -12.09 -14.78
N ALA A 24 -0.29 -11.10 -13.88
CA ALA A 24 -0.85 -11.31 -12.52
C ALA A 24 -2.36 -11.01 -12.48
N ALA A 25 -2.87 -10.25 -13.45
CA ALA A 25 -4.30 -9.93 -13.59
C ALA A 25 -5.04 -11.11 -14.23
N GLU A 26 -5.82 -11.85 -13.44
CA GLU A 26 -6.62 -13.01 -13.90
C GLU A 26 -7.63 -12.56 -14.97
N ASP A 27 -7.92 -11.25 -15.08
CA ASP A 27 -8.91 -10.71 -16.05
C ASP A 27 -8.21 -10.14 -17.28
N PHE A 28 -6.93 -10.50 -17.51
CA PHE A 28 -6.14 -10.00 -18.66
C PHE A 28 -5.57 -11.18 -19.46
N GLU A 29 -5.45 -10.96 -20.76
CA GLU A 29 -4.61 -11.74 -21.70
C GLU A 29 -3.55 -10.79 -22.29
N LEU A 30 -2.27 -11.20 -22.22
CA LEU A 30 -1.16 -10.46 -22.87
C LEU A 30 -1.02 -10.98 -24.30
N VAL A 31 -1.55 -10.22 -25.28
CA VAL A 31 -1.47 -10.57 -26.73
C VAL A 31 0.02 -10.64 -27.11
N GLY A 32 0.72 -9.50 -27.00
CA GLY A 32 2.16 -9.44 -27.30
C GLY A 32 2.80 -8.14 -26.86
N ILE A 33 4.13 -8.10 -26.93
CA ILE A 33 4.96 -6.89 -26.70
C ILE A 33 5.33 -6.33 -28.08
N VAL A 34 5.31 -5.01 -28.23
CA VAL A 34 5.71 -4.29 -29.48
C VAL A 34 7.04 -3.58 -29.20
N ARG A 35 8.08 -4.02 -29.88
CA ARG A 35 9.45 -3.44 -29.81
C ARG A 35 9.83 -2.85 -31.17
N ARG A 36 10.73 -1.89 -31.18
CA ARG A 36 11.37 -1.38 -32.42
C ARG A 36 12.09 -2.56 -33.08
N GLN A 37 12.80 -3.36 -32.26
CA GLN A 37 13.68 -4.48 -32.69
C GLN A 37 12.96 -5.82 -32.75
N GLY A 38 11.61 -5.83 -32.82
CA GLY A 38 10.80 -7.07 -32.87
C GLY A 38 11.32 -8.18 -31.96
N ALA A 39 11.23 -9.43 -32.43
CA ALA A 39 11.47 -10.68 -31.65
C ALA A 39 12.97 -10.88 -31.39
N GLU A 40 13.80 -10.03 -32.02
CA GLU A 40 15.26 -10.25 -32.19
C GLU A 40 15.89 -10.25 -30.79
N ASN A 41 16.69 -11.25 -30.47
CA ASN A 41 17.34 -11.40 -29.15
C ASN A 41 16.27 -11.35 -28.04
N LYS A 42 15.06 -11.83 -28.32
CA LYS A 42 13.95 -12.00 -27.34
C LYS A 42 14.55 -12.39 -25.99
N PRO A 43 14.33 -11.61 -24.90
CA PRO A 43 14.82 -12.00 -23.57
C PRO A 43 14.04 -13.24 -23.06
N ALA A 44 14.67 -13.99 -22.16
CA ALA A 44 14.16 -15.28 -21.60
C ALA A 44 12.69 -15.12 -21.17
N GLU A 45 12.42 -14.15 -20.31
CA GLU A 45 11.10 -13.94 -19.64
C GLU A 45 9.99 -13.61 -20.67
N LEU A 46 10.32 -13.32 -21.93
CA LEU A 46 9.29 -13.07 -22.98
C LEU A 46 9.12 -14.31 -23.86
N ALA A 47 9.83 -15.40 -23.55
CA ALA A 47 9.69 -16.70 -24.25
C ALA A 47 8.23 -16.83 -24.70
N PRO A 48 7.25 -16.95 -23.77
CA PRO A 48 5.92 -17.44 -24.11
C PRO A 48 4.95 -16.40 -24.70
N TYR A 49 5.45 -15.30 -25.29
CA TYR A 49 4.59 -14.22 -25.84
C TYR A 49 5.11 -13.81 -27.21
N LYS A 50 4.19 -13.48 -28.12
CA LYS A 50 4.54 -12.94 -29.45
C LYS A 50 5.13 -11.55 -29.24
N VAL A 51 6.29 -11.28 -29.86
CA VAL A 51 6.93 -9.94 -29.93
C VAL A 51 7.06 -9.51 -31.39
N VAL A 52 6.70 -8.28 -31.71
CA VAL A 52 6.56 -7.78 -33.11
C VAL A 52 7.12 -6.36 -33.21
N GLN A 53 7.05 -5.73 -34.38
CA GLN A 53 7.55 -4.35 -34.62
C GLN A 53 6.40 -3.35 -34.80
N ASP A 54 5.23 -3.85 -35.18
CA ASP A 54 4.03 -3.00 -35.39
C ASP A 54 2.89 -3.68 -34.65
N ILE A 55 2.06 -2.90 -33.95
CA ILE A 55 0.89 -3.43 -33.20
C ILE A 55 -0.05 -4.14 -34.19
N LYS A 56 -0.08 -3.68 -35.46
CA LYS A 56 -0.92 -4.24 -36.56
C LYS A 56 -0.69 -5.74 -36.69
N GLU A 57 0.53 -6.22 -36.41
CA GLU A 57 0.91 -7.66 -36.44
C GLU A 57 0.10 -8.46 -35.39
N LEU A 58 -0.23 -7.85 -34.24
CA LEU A 58 -0.94 -8.56 -33.13
C LEU A 58 -2.45 -8.56 -33.41
N GLU A 59 -3.16 -9.57 -32.87
CA GLU A 59 -4.56 -9.87 -33.22
C GLU A 59 -5.53 -9.60 -32.06
N GLY A 60 -6.63 -8.91 -32.33
CA GLY A 60 -7.76 -8.72 -31.41
C GLY A 60 -7.34 -8.02 -30.13
N VAL A 61 -6.64 -6.90 -30.28
CA VAL A 61 -6.07 -6.09 -29.16
C VAL A 61 -7.12 -5.07 -28.72
N ASP A 62 -7.52 -5.12 -27.44
CA ASP A 62 -8.51 -4.19 -26.82
C ASP A 62 -7.81 -2.87 -26.43
N VAL A 63 -6.60 -2.96 -25.90
CA VAL A 63 -5.90 -1.81 -25.26
C VAL A 63 -4.37 -1.94 -25.42
N ALA A 64 -3.75 -0.85 -25.84
CA ALA A 64 -2.29 -0.65 -25.92
C ALA A 64 -1.82 0.11 -24.68
N ILE A 65 -1.05 -0.57 -23.82
CA ILE A 65 -0.27 0.05 -22.72
C ILE A 65 1.02 0.59 -23.33
N LEU A 66 1.17 1.91 -23.33
CA LEU A 66 2.37 2.60 -23.87
C LEU A 66 3.43 2.73 -22.79
N ALA A 67 4.42 1.83 -22.80
CA ALA A 67 5.64 1.85 -21.94
C ALA A 67 6.76 2.58 -22.69
N THR A 68 6.38 3.60 -23.44
CA THR A 68 7.24 4.45 -24.29
C THR A 68 7.82 5.57 -23.45
N PRO A 69 8.84 6.32 -23.91
CA PRO A 69 9.16 7.62 -23.34
C PRO A 69 8.00 8.61 -23.50
N SER A 70 8.06 9.71 -22.76
CA SER A 70 6.98 10.72 -22.67
C SER A 70 6.90 11.48 -24.00
N ARG A 71 8.08 11.81 -24.56
CA ARG A 71 8.23 12.50 -25.87
C ARG A 71 7.52 11.71 -26.98
N SER A 72 7.42 10.37 -26.83
CA SER A 72 6.98 9.40 -27.87
C SER A 72 5.49 9.03 -27.75
N CYS A 73 4.79 9.46 -26.70
CA CYS A 73 3.45 8.93 -26.32
C CYS A 73 2.39 9.37 -27.33
N LYS A 74 2.29 10.68 -27.58
CA LYS A 74 1.27 11.30 -28.48
C LYS A 74 1.37 10.66 -29.87
N GLU A 75 2.59 10.58 -30.41
CA GLU A 75 2.91 10.02 -31.76
C GLU A 75 2.33 8.61 -31.85
N TYR A 76 2.63 7.73 -30.88
CA TYR A 76 2.21 6.30 -30.86
C TYR A 76 0.70 6.20 -30.62
N ALA A 77 0.15 7.12 -29.84
CA ALA A 77 -1.29 7.15 -29.53
C ALA A 77 -2.06 7.49 -30.81
N GLU A 78 -1.71 8.60 -31.45
CA GLU A 78 -2.31 9.07 -32.73
C GLU A 78 -2.23 7.94 -33.77
N LYS A 79 -1.16 7.13 -33.71
CA LYS A 79 -0.94 5.95 -34.60
C LYS A 79 -1.92 4.82 -34.23
N ILE A 80 -2.12 4.50 -32.94
CA ILE A 80 -2.81 3.25 -32.47
C ILE A 80 -4.33 3.43 -32.33
N LEU A 81 -4.83 4.66 -32.26
CA LEU A 81 -6.29 4.95 -32.06
C LEU A 81 -7.10 4.65 -33.32
N PRO A 82 -6.77 5.20 -34.52
CA PRO A 82 -7.50 4.88 -35.75
C PRO A 82 -7.80 3.38 -35.93
N LEU A 83 -6.89 2.51 -35.49
CA LEU A 83 -7.03 1.03 -35.51
C LEU A 83 -8.19 0.60 -34.60
N GLY A 84 -8.81 1.53 -33.86
CA GLY A 84 -9.95 1.29 -32.96
C GLY A 84 -9.53 0.81 -31.58
N ILE A 85 -8.22 0.89 -31.26
CA ILE A 85 -7.59 0.32 -30.03
C ILE A 85 -7.45 1.42 -28.96
N ASN A 86 -7.53 1.04 -27.68
CA ASN A 86 -7.50 1.98 -26.53
C ASN A 86 -6.06 2.13 -26.05
N THR A 87 -5.70 3.32 -25.56
CA THR A 87 -4.31 3.71 -25.24
C THR A 87 -4.19 4.32 -23.84
N VAL A 88 -3.59 3.56 -22.93
CA VAL A 88 -3.17 4.07 -21.59
C VAL A 88 -1.67 4.39 -21.66
N ASP A 89 -1.24 5.38 -20.88
CA ASP A 89 0.18 5.83 -20.83
C ASP A 89 0.43 6.57 -19.51
N SER A 90 1.69 6.63 -19.09
CA SER A 90 2.13 7.26 -17.82
C SER A 90 2.81 8.59 -18.13
N PHE A 91 2.35 9.28 -19.17
CA PHE A 91 2.94 10.56 -19.66
C PHE A 91 3.11 11.46 -18.44
N ASP A 92 4.30 12.01 -18.22
CA ASP A 92 4.74 12.51 -16.90
C ASP A 92 5.27 13.96 -16.97
N ILE A 93 4.88 14.75 -17.96
CA ILE A 93 5.34 16.17 -18.06
C ILE A 93 4.18 17.06 -17.60
N HIS A 94 4.12 17.34 -16.30
CA HIS A 94 2.90 17.88 -15.63
C HIS A 94 2.35 19.01 -16.50
N THR A 95 3.25 19.85 -17.03
CA THR A 95 2.93 21.13 -17.71
C THR A 95 2.15 20.91 -19.03
N ASP A 96 2.46 19.87 -19.80
CA ASP A 96 1.86 19.60 -21.15
C ASP A 96 0.50 18.87 -21.08
N ILE A 97 0.12 18.37 -19.89
CA ILE A 97 -0.95 17.33 -19.76
C ILE A 97 -2.26 17.86 -20.36
N VAL A 98 -2.57 19.14 -20.15
CA VAL A 98 -3.80 19.79 -20.68
C VAL A 98 -3.81 19.68 -22.21
N ASP A 99 -2.71 20.06 -22.88
CA ASP A 99 -2.63 20.10 -24.37
C ASP A 99 -2.69 18.68 -24.93
N TYR A 100 -1.91 17.77 -24.38
CA TYR A 100 -1.91 16.33 -24.76
C TYR A 100 -3.33 15.77 -24.61
N ARG A 101 -4.09 16.23 -23.62
CA ARG A 101 -5.49 15.77 -23.42
C ARG A 101 -6.35 16.27 -24.59
N SER A 102 -6.37 17.59 -24.79
CA SER A 102 -7.17 18.32 -25.82
C SER A 102 -6.82 17.82 -27.23
N ALA A 103 -5.61 17.29 -27.41
CA ALA A 103 -5.11 16.68 -28.67
C ALA A 103 -5.86 15.37 -28.98
N LEU A 104 -5.70 14.35 -28.15
CA LEU A 104 -6.34 13.03 -28.38
C LEU A 104 -7.87 13.16 -28.30
N MET A 105 -8.39 14.17 -27.61
CA MET A 105 -9.83 14.24 -27.23
C MET A 105 -10.67 13.89 -28.46
N PRO A 106 -10.68 14.74 -29.53
CA PRO A 106 -11.58 14.53 -30.67
C PRO A 106 -11.25 13.22 -31.41
N LEU A 107 -9.96 12.91 -31.56
CA LEU A 107 -9.46 11.71 -32.28
C LEU A 107 -10.02 10.44 -31.62
N CYS A 108 -10.13 10.42 -30.30
CA CYS A 108 -10.66 9.27 -29.52
C CYS A 108 -12.13 9.05 -29.89
N LYS A 109 -12.89 10.15 -29.91
CA LYS A 109 -14.38 10.17 -30.10
C LYS A 109 -14.71 9.65 -31.51
N GLU A 110 -14.17 10.34 -32.53
CA GLU A 110 -14.22 10.00 -33.97
C GLU A 110 -14.02 8.49 -34.18
N HIS A 111 -13.13 7.84 -33.43
CA HIS A 111 -12.79 6.38 -33.56
C HIS A 111 -13.42 5.51 -32.46
N HIS A 112 -14.50 6.01 -31.82
CA HIS A 112 -15.28 5.28 -30.77
C HIS A 112 -14.32 4.38 -29.95
N ALA A 113 -13.35 5.00 -29.28
CA ALA A 113 -12.29 4.35 -28.46
C ALA A 113 -11.78 5.33 -27.40
N VAL A 114 -11.09 4.82 -26.38
CA VAL A 114 -10.73 5.55 -25.12
C VAL A 114 -9.20 5.61 -24.95
N SER A 115 -8.70 6.81 -24.65
CA SER A 115 -7.31 7.09 -24.20
C SER A 115 -7.33 7.55 -22.75
N ILE A 116 -6.62 6.85 -21.85
CA ILE A 116 -6.29 7.38 -20.49
C ILE A 116 -4.79 7.74 -20.45
N ILE A 117 -4.50 8.99 -20.10
CA ILE A 117 -3.16 9.62 -20.16
C ILE A 117 -2.66 9.95 -18.75
N SER A 118 -1.33 10.09 -18.58
CA SER A 118 -0.70 10.53 -17.33
C SER A 118 -1.24 9.69 -16.18
N ALA A 119 -1.01 8.38 -16.27
CA ALA A 119 -1.55 7.32 -15.39
C ALA A 119 -0.41 6.44 -14.85
N GLY A 120 0.55 7.06 -14.17
CA GLY A 120 1.51 6.38 -13.28
C GLY A 120 1.10 6.57 -11.82
N TRP A 121 2.07 6.69 -10.90
CA TRP A 121 1.75 7.03 -9.49
C TRP A 121 1.80 8.55 -9.31
N ASP A 122 2.59 9.26 -10.12
CA ASP A 122 2.63 10.75 -10.09
C ASP A 122 3.23 11.23 -11.41
N PRO A 123 2.42 11.73 -12.37
CA PRO A 123 0.97 11.81 -12.22
C PRO A 123 0.26 10.45 -12.39
N GLY A 124 -1.01 10.40 -11.98
CA GLY A 124 -1.83 9.18 -11.83
C GLY A 124 -2.37 9.05 -10.41
N SER A 125 -2.11 7.91 -9.75
CA SER A 125 -2.46 7.56 -8.34
C SER A 125 -2.50 8.85 -7.51
N ASP A 126 -1.36 9.49 -7.31
CA ASP A 126 -1.21 10.67 -6.41
C ASP A 126 -2.10 11.81 -6.89
N SER A 127 -2.30 11.94 -8.19
CA SER A 127 -3.14 13.02 -8.79
C SER A 127 -4.56 12.90 -8.22
N VAL A 128 -5.04 11.65 -8.02
CA VAL A 128 -6.38 11.35 -7.45
C VAL A 128 -6.40 11.81 -5.99
N VAL A 129 -5.46 11.30 -5.20
CA VAL A 129 -5.39 11.58 -3.72
C VAL A 129 -5.31 13.09 -3.53
N ARG A 130 -4.45 13.76 -4.29
CA ARG A 130 -4.19 15.22 -4.19
C ARG A 130 -5.50 15.98 -4.42
N THR A 131 -6.32 15.47 -5.35
CA THR A 131 -7.62 16.04 -5.78
C THR A 131 -8.66 15.80 -4.69
N LEU A 132 -8.82 14.57 -4.20
CA LEU A 132 -9.69 14.22 -3.06
C LEU A 132 -9.35 15.13 -1.86
N MET A 133 -8.06 15.18 -1.50
CA MET A 133 -7.53 16.01 -0.38
C MET A 133 -7.96 17.47 -0.58
N GLN A 134 -7.82 18.02 -1.79
CA GLN A 134 -8.23 19.42 -2.11
C GLN A 134 -9.71 19.58 -1.73
N SER A 135 -10.53 18.60 -2.14
CA SER A 135 -11.99 18.56 -1.93
C SER A 135 -12.29 18.55 -0.42
N LEU A 136 -11.56 17.76 0.37
CA LEU A 136 -11.81 17.59 1.83
C LEU A 136 -11.67 18.94 2.54
N ALA A 137 -10.81 19.84 2.05
CA ALA A 137 -10.62 21.19 2.62
C ALA A 137 -10.20 22.18 1.55
N PRO A 138 -11.17 22.69 0.75
CA PRO A 138 -10.84 23.52 -0.40
C PRO A 138 -10.19 24.88 -0.12
N LYS A 139 -10.02 25.30 1.13
CA LYS A 139 -9.13 26.46 1.43
C LYS A 139 -7.91 25.96 2.20
N GLY A 140 -6.71 26.39 1.80
CA GLY A 140 -5.43 26.06 2.47
C GLY A 140 -4.35 25.67 1.46
N LEU A 141 -3.40 24.83 1.89
CA LEU A 141 -2.16 24.49 1.14
C LEU A 141 -1.94 22.98 1.09
N SER A 142 -1.59 22.49 -0.10
CA SER A 142 -1.19 21.08 -0.36
C SER A 142 0.29 21.08 -0.75
N TYR A 143 0.97 20.00 -0.45
CA TYR A 143 2.43 19.85 -0.66
C TYR A 143 2.70 18.44 -1.17
N THR A 144 3.40 18.31 -2.30
CA THR A 144 3.84 17.00 -2.84
C THR A 144 5.34 16.84 -2.56
N ASN A 145 5.71 15.77 -1.84
CA ASN A 145 7.08 15.54 -1.31
C ASN A 145 7.60 14.18 -1.76
N PHE A 146 8.39 14.17 -2.82
CA PHE A 146 8.94 12.95 -3.47
C PHE A 146 10.21 12.49 -2.76
N GLY A 147 10.35 11.17 -2.66
CA GLY A 147 11.59 10.48 -2.29
C GLY A 147 11.63 10.11 -0.82
N PRO A 148 12.75 9.54 -0.35
CA PRO A 148 13.95 9.36 -1.18
C PRO A 148 13.76 8.34 -2.31
N GLY A 149 14.16 8.70 -3.53
CA GLY A 149 14.11 7.85 -4.73
C GLY A 149 14.89 8.40 -5.90
N MET A 150 15.20 7.56 -6.89
CA MET A 150 15.96 7.93 -8.12
C MET A 150 15.09 8.83 -8.99
N SER A 151 15.69 9.78 -9.72
CA SER A 151 14.98 10.70 -10.64
C SER A 151 15.47 10.47 -12.08
N MET A 152 14.70 9.76 -12.90
CA MET A 152 15.10 9.44 -14.31
C MET A 152 15.47 10.77 -15.01
N GLY A 153 14.66 11.81 -14.87
CA GLY A 153 14.89 13.12 -15.51
C GLY A 153 16.21 13.78 -15.13
N HIS A 154 16.41 13.99 -13.84
CA HIS A 154 17.64 14.63 -13.26
C HIS A 154 18.85 13.73 -13.50
N SER A 155 18.70 12.40 -13.35
CA SER A 155 19.74 11.38 -13.66
C SER A 155 20.28 11.62 -15.08
N VAL A 156 19.37 11.80 -16.04
CA VAL A 156 19.67 12.01 -17.49
C VAL A 156 20.37 13.38 -17.64
N CYS A 157 19.75 14.43 -17.12
CA CYS A 157 20.21 15.83 -17.26
C CYS A 157 21.60 16.02 -16.65
N ALA A 158 22.11 15.02 -15.92
CA ALA A 158 23.44 15.03 -15.28
C ALA A 158 24.43 14.26 -16.15
N ARG A 159 24.03 13.11 -16.70
CA ARG A 159 24.83 12.34 -17.69
C ARG A 159 25.19 13.27 -18.86
N SER A 160 24.24 14.10 -19.27
CA SER A 160 24.32 15.01 -20.44
C SER A 160 25.49 15.98 -20.29
N LYS A 161 25.93 16.29 -19.07
CA LYS A 161 26.97 17.32 -18.83
C LYS A 161 28.37 16.72 -19.06
N LYS A 162 29.33 17.58 -19.41
CA LYS A 162 30.70 17.20 -19.85
C LYS A 162 31.49 16.72 -18.63
N GLY A 163 32.27 15.65 -18.80
CA GLY A 163 33.11 15.03 -17.76
C GLY A 163 32.40 13.88 -17.07
N VAL A 164 31.12 13.68 -17.41
CA VAL A 164 30.20 12.77 -16.68
C VAL A 164 30.00 11.53 -17.53
N LYS A 165 30.68 10.43 -17.17
CA LYS A 165 30.53 9.12 -17.87
C LYS A 165 29.12 8.58 -17.56
N ASN A 166 28.85 8.34 -16.28
CA ASN A 166 27.53 7.91 -15.74
C ASN A 166 27.11 8.89 -14.63
N ALA A 167 25.83 8.92 -14.26
CA ALA A 167 25.29 9.73 -13.15
C ALA A 167 23.89 9.25 -12.78
N LEU A 168 23.62 9.21 -11.48
CA LEU A 168 22.29 8.97 -10.85
C LEU A 168 21.99 10.15 -9.92
N SER A 169 20.86 10.85 -10.12
CA SER A 169 20.38 11.94 -9.23
C SER A 169 19.28 11.41 -8.30
N MET A 170 19.55 11.33 -6.99
CA MET A 170 18.53 11.04 -5.96
C MET A 170 17.73 12.32 -5.68
N THR A 171 16.43 12.15 -5.40
CA THR A 171 15.49 13.24 -5.02
C THR A 171 15.05 13.00 -3.59
N ILE A 172 15.32 13.97 -2.73
CA ILE A 172 15.19 13.88 -1.25
C ILE A 172 14.20 14.93 -0.82
N PRO A 173 13.11 14.55 -0.10
CA PRO A 173 12.09 15.51 0.32
C PRO A 173 12.54 16.24 1.59
N LEU A 174 12.48 17.58 1.59
CA LEU A 174 12.76 18.41 2.79
C LEU A 174 11.44 19.07 3.22
N GLY A 175 10.30 18.58 2.72
CA GLY A 175 8.96 19.00 3.16
C GLY A 175 8.45 20.26 2.46
N GLU A 176 7.14 20.46 2.38
CA GLU A 176 6.54 21.71 1.84
C GLU A 176 6.93 21.86 0.36
N GLY A 177 7.12 20.75 -0.36
CA GLY A 177 7.42 20.77 -1.80
C GLY A 177 8.88 21.04 -2.11
N ILE A 178 9.64 21.52 -1.12
CA ILE A 178 11.12 21.70 -1.18
C ILE A 178 11.83 20.34 -1.21
N HIS A 179 12.88 20.24 -2.04
CA HIS A 179 13.68 19.01 -2.24
C HIS A 179 15.19 19.29 -2.27
N ARG A 180 15.93 18.24 -1.97
CA ARG A 180 17.41 18.15 -2.04
C ARG A 180 17.76 17.16 -3.16
N ARG A 181 18.80 17.49 -3.93
CA ARG A 181 19.37 16.64 -5.00
C ARG A 181 20.70 16.08 -4.50
N MET A 182 20.80 14.77 -4.32
CA MET A 182 22.07 14.06 -4.13
C MET A 182 22.42 13.43 -5.47
N VAL A 183 23.39 14.01 -6.19
CA VAL A 183 23.88 13.48 -7.50
C VAL A 183 25.15 12.66 -7.24
N TYR A 184 25.22 11.44 -7.75
CA TYR A 184 26.40 10.53 -7.67
C TYR A 184 26.94 10.37 -9.09
N VAL A 185 28.25 10.56 -9.33
CA VAL A 185 28.85 10.58 -10.71
C VAL A 185 30.07 9.65 -10.83
N GLU A 186 30.22 9.04 -12.02
CA GLU A 186 31.44 8.44 -12.59
C GLU A 186 32.09 9.50 -13.48
N LEU A 187 33.26 9.98 -13.06
CA LEU A 187 34.03 11.02 -13.78
C LEU A 187 34.66 10.37 -15.02
N GLU A 188 34.48 10.96 -16.20
CA GLU A 188 35.28 10.61 -17.40
C GLU A 188 36.74 10.96 -17.11
N GLU A 189 37.63 9.98 -17.28
CA GLU A 189 39.11 10.14 -17.42
C GLU A 189 39.45 11.57 -17.89
N GLY A 190 40.02 12.39 -17.00
CA GLY A 190 40.46 13.77 -17.31
C GLY A 190 39.80 14.83 -16.43
N ALA A 191 38.46 14.93 -16.50
CA ALA A 191 37.62 15.93 -15.79
C ALA A 191 37.71 15.72 -14.28
N THR A 192 37.41 16.75 -13.48
CA THR A 192 37.45 16.70 -11.99
C THR A 192 36.05 16.95 -11.42
N LEU A 193 35.87 16.63 -10.13
CA LEU A 193 34.58 16.75 -9.43
C LEU A 193 34.10 18.21 -9.47
N ASP A 194 34.97 19.21 -9.30
CA ASP A 194 34.53 20.64 -9.28
C ASP A 194 33.98 21.04 -10.64
N GLU A 195 34.71 20.73 -11.72
CA GLU A 195 34.30 21.05 -13.10
C GLU A 195 32.87 20.54 -13.30
N VAL A 196 32.68 19.25 -13.06
CA VAL A 196 31.38 18.52 -13.18
C VAL A 196 30.32 19.17 -12.27
N THR A 197 30.62 19.35 -10.99
CA THR A 197 29.74 19.99 -9.98
C THR A 197 29.24 21.34 -10.53
N LYS A 198 30.15 22.27 -10.85
CA LYS A 198 29.81 23.60 -11.44
C LYS A 198 28.87 23.39 -12.63
N GLU A 199 29.16 22.37 -13.45
CA GLU A 199 28.52 22.10 -14.76
C GLU A 199 27.07 21.64 -14.53
N ILE A 200 26.83 20.85 -13.48
CA ILE A 200 25.48 20.37 -13.07
C ILE A 200 24.68 21.55 -12.51
N LYS A 201 25.15 22.14 -11.41
CA LYS A 201 24.47 23.20 -10.62
C LYS A 201 24.07 24.38 -11.52
N ALA A 202 24.78 24.59 -12.64
CA ALA A 202 24.50 25.68 -13.60
C ALA A 202 23.12 25.49 -14.22
N ASP A 203 22.75 24.23 -14.49
CA ASP A 203 21.51 23.83 -15.19
C ASP A 203 20.30 24.18 -14.36
N PRO A 204 19.23 24.78 -14.94
CA PRO A 204 17.96 24.99 -14.24
C PRO A 204 17.38 23.85 -13.40
N TYR A 205 17.58 22.61 -13.81
CA TYR A 205 17.13 21.37 -13.11
C TYR A 205 17.72 21.27 -11.69
N PHE A 206 18.82 21.98 -11.43
CA PHE A 206 19.58 21.89 -10.16
C PHE A 206 19.81 23.26 -9.51
N ALA A 207 19.77 24.34 -10.29
CA ALA A 207 20.31 25.66 -9.88
C ALA A 207 19.44 26.26 -8.78
N HIS A 208 18.19 25.81 -8.62
CA HIS A 208 17.21 26.39 -7.67
C HIS A 208 16.97 25.44 -6.48
N ASP A 209 17.75 24.37 -6.36
CA ASP A 209 17.57 23.34 -5.30
C ASP A 209 18.92 23.04 -4.64
N GLU A 210 18.91 22.78 -3.33
CA GLU A 210 20.09 22.29 -2.58
C GLU A 210 20.63 21.04 -3.29
N THR A 211 21.83 21.10 -3.85
CA THR A 211 22.45 20.00 -4.65
C THR A 211 23.82 19.63 -4.05
N HIS A 212 24.07 18.34 -3.87
CA HIS A 212 25.37 17.79 -3.41
C HIS A 212 25.84 16.82 -4.50
N VAL A 213 27.01 17.06 -5.09
CA VAL A 213 27.54 16.17 -6.17
C VAL A 213 28.73 15.40 -5.58
N MET A 214 28.64 14.06 -5.58
CA MET A 214 29.68 13.11 -5.11
C MET A 214 30.15 12.28 -6.30
N ALA A 215 31.41 11.85 -6.26
CA ALA A 215 32.02 10.93 -7.25
C ALA A 215 32.07 9.52 -6.64
N VAL A 216 31.71 8.50 -7.43
CA VAL A 216 31.69 7.07 -6.98
C VAL A 216 32.27 6.19 -8.10
N ASP A 217 32.83 5.05 -7.70
CA ASP A 217 33.46 4.04 -8.60
C ASP A 217 32.39 3.55 -9.58
N SER A 218 31.30 2.95 -9.08
CA SER A 218 30.16 2.43 -9.87
C SER A 218 28.85 3.12 -9.48
N VAL A 219 28.20 3.77 -10.45
CA VAL A 219 26.83 4.32 -10.30
C VAL A 219 25.84 3.18 -10.12
N ASP A 220 25.98 2.11 -10.91
CA ASP A 220 25.09 0.92 -10.86
C ASP A 220 25.13 0.32 -9.46
N ALA A 221 26.21 0.50 -8.70
CA ALA A 221 26.40 -0.07 -7.34
C ALA A 221 25.63 0.74 -6.30
N VAL A 222 25.11 1.92 -6.66
CA VAL A 222 24.35 2.79 -5.70
C VAL A 222 22.88 2.92 -6.14
N LYS A 223 22.50 2.34 -7.29
CA LYS A 223 21.13 2.39 -7.89
C LYS A 223 20.15 1.56 -7.05
N ASP A 224 18.88 1.99 -7.02
CA ASP A 224 17.75 1.25 -6.37
C ASP A 224 16.45 1.93 -6.79
N MET A 225 15.48 1.11 -7.23
CA MET A 225 14.22 1.56 -7.86
CA MET A 225 14.23 1.61 -7.86
C MET A 225 13.19 1.92 -6.78
N GLY A 226 13.49 1.63 -5.51
CA GLY A 226 12.75 2.20 -4.39
C GLY A 226 12.49 3.70 -4.61
N HIS A 227 11.46 4.20 -3.95
CA HIS A 227 10.91 5.57 -4.12
C HIS A 227 9.74 5.79 -3.15
N GLY A 228 9.26 7.03 -3.04
CA GLY A 228 8.15 7.35 -2.14
C GLY A 228 7.50 8.67 -2.43
N VAL A 229 6.49 9.01 -1.63
CA VAL A 229 5.86 10.36 -1.64
C VAL A 229 5.18 10.59 -0.29
N HIS A 230 5.20 11.83 0.17
CA HIS A 230 4.41 12.37 1.30
CA HIS A 230 4.41 12.38 1.31
C HIS A 230 3.58 13.54 0.77
N LEU A 231 2.29 13.28 0.47
CA LEU A 231 1.25 14.27 0.15
C LEU A 231 0.65 14.76 1.45
N VAL A 232 0.50 16.08 1.60
CA VAL A 232 0.15 16.77 2.87
C VAL A 232 -0.80 17.93 2.54
N ARG A 233 -1.93 18.02 3.24
CA ARG A 233 -2.82 19.18 3.16
C ARG A 233 -3.20 19.59 4.59
N LYS A 234 -3.03 20.88 4.89
CA LYS A 234 -3.67 21.57 6.05
C LYS A 234 -4.57 22.65 5.48
N GLY A 235 -5.83 22.69 5.89
CA GLY A 235 -6.79 23.70 5.42
C GLY A 235 -8.13 23.65 6.12
N VAL A 236 -9.19 24.12 5.44
CA VAL A 236 -10.49 24.51 6.03
C VAL A 236 -11.61 23.66 5.40
N SER A 237 -12.28 22.83 6.19
CA SER A 237 -13.57 22.20 5.81
C SER A 237 -14.69 23.15 6.25
N GLY A 238 -15.60 23.50 5.33
CA GLY A 238 -16.60 24.55 5.56
C GLY A 238 -15.94 25.84 5.98
N LYS A 239 -16.07 26.24 7.24
CA LYS A 239 -15.25 27.34 7.80
C LYS A 239 -14.61 26.88 9.11
N THR A 240 -14.41 25.57 9.27
CA THR A 240 -13.71 24.94 10.43
C THR A 240 -12.23 24.83 10.09
N GLN A 241 -11.35 25.50 10.83
CA GLN A 241 -9.90 25.60 10.50
C GLN A 241 -9.17 24.28 10.87
N ASN A 242 -7.91 24.18 10.46
CA ASN A 242 -6.88 23.26 10.98
C ASN A 242 -7.22 21.79 10.75
N GLN A 243 -7.86 21.49 9.61
CA GLN A 243 -8.11 20.10 9.11
C GLN A 243 -6.84 19.56 8.46
N ARG A 244 -6.34 18.39 8.89
CA ARG A 244 -5.01 17.87 8.52
C ARG A 244 -5.15 16.45 7.96
N MET A 245 -4.37 16.12 6.92
CA MET A 245 -4.42 14.82 6.21
C MET A 245 -3.08 14.57 5.50
N GLU A 246 -2.60 13.33 5.52
CA GLU A 246 -1.34 12.90 4.87
C GLU A 246 -1.64 11.66 4.04
N PHE A 247 -1.00 11.52 2.89
CA PHE A 247 -0.88 10.23 2.16
C PHE A 247 0.60 9.97 1.92
N SER A 248 1.05 8.75 2.17
CA SER A 248 2.48 8.35 2.08
C SER A 248 2.62 7.03 1.31
N MET A 249 3.73 6.84 0.60
CA MET A 249 4.07 5.54 -0.04
C MET A 249 5.55 5.25 0.22
N SER A 250 5.85 3.98 0.42
CA SER A 250 7.20 3.37 0.31
C SER A 250 7.09 2.25 -0.72
N ILE A 251 7.42 2.53 -1.98
CA ILE A 251 7.11 1.61 -3.11
C ILE A 251 8.32 1.43 -4.04
N ASN A 252 8.25 0.38 -4.84
CA ASN A 252 9.12 0.18 -6.02
C ASN A 252 8.51 0.97 -7.17
N ASN A 253 9.16 2.06 -7.58
CA ASN A 253 8.65 3.04 -8.58
C ASN A 253 8.07 2.34 -9.82
N PRO A 254 8.89 1.71 -10.69
CA PRO A 254 8.40 1.21 -11.97
C PRO A 254 7.38 0.07 -11.83
N ALA A 255 7.52 -0.75 -10.78
CA ALA A 255 6.59 -1.85 -10.42
C ALA A 255 5.17 -1.30 -10.26
N LEU A 256 5.04 -0.15 -9.59
CA LEU A 256 3.75 0.47 -9.23
C LEU A 256 3.18 1.18 -10.46
N THR A 257 4.02 1.93 -11.19
CA THR A 257 3.63 2.60 -12.45
C THR A 257 2.98 1.58 -13.40
N ALA A 258 3.59 0.39 -13.49
CA ALA A 258 3.09 -0.75 -14.30
C ALA A 258 1.67 -1.09 -13.87
N GLN A 259 1.49 -1.40 -12.58
CA GLN A 259 0.21 -1.86 -11.99
C GLN A 259 -0.89 -0.83 -12.24
N VAL A 260 -0.57 0.46 -12.13
CA VAL A 260 -1.57 1.54 -12.40
C VAL A 260 -1.96 1.48 -13.88
N LEU A 261 -0.99 1.34 -14.78
CA LEU A 261 -1.24 1.26 -16.26
C LEU A 261 -2.24 0.12 -16.54
N VAL A 262 -1.97 -1.08 -16.03
CA VAL A 262 -2.91 -2.22 -16.12
C VAL A 262 -4.29 -1.76 -15.62
N ASN A 263 -4.32 -1.06 -14.48
CA ASN A 263 -5.59 -0.63 -13.84
C ASN A 263 -6.36 0.28 -14.80
N VAL A 264 -5.72 1.28 -15.39
CA VAL A 264 -6.40 2.24 -16.31
C VAL A 264 -6.66 1.56 -17.67
N ALA A 265 -5.93 0.49 -18.00
CA ALA A 265 -6.23 -0.37 -19.16
C ALA A 265 -7.59 -1.00 -18.92
N ARG A 266 -7.74 -1.71 -17.80
CA ARG A 266 -9.03 -2.30 -17.32
C ARG A 266 -10.14 -1.24 -17.33
N ALA A 267 -9.81 -0.03 -16.89
CA ALA A 267 -10.81 1.05 -16.67
C ALA A 267 -11.30 1.60 -18.01
N SER A 268 -10.48 1.54 -19.06
CA SER A 268 -10.80 2.16 -20.39
C SER A 268 -11.97 1.42 -21.05
N MET A 269 -12.08 0.13 -20.75
CA MET A 269 -13.16 -0.78 -21.22
C MET A 269 -14.55 -0.39 -20.67
N HIS A 270 -14.67 0.70 -19.89
CA HIS A 270 -15.95 1.10 -19.25
C HIS A 270 -16.12 2.63 -19.32
N GLN A 271 -15.74 3.29 -20.41
CA GLN A 271 -15.85 4.77 -20.53
C GLN A 271 -16.41 5.18 -21.89
N GLN A 272 -17.27 6.21 -21.90
CA GLN A 272 -17.73 6.91 -23.14
C GLN A 272 -16.46 7.30 -23.91
N PRO A 273 -16.34 6.97 -25.21
CA PRO A 273 -15.15 7.32 -25.99
C PRO A 273 -14.67 8.74 -25.73
N GLY A 274 -13.35 8.93 -25.55
CA GLY A 274 -12.71 10.23 -25.23
C GLY A 274 -11.38 10.09 -24.48
N CYS A 275 -10.74 11.23 -24.17
CA CYS A 275 -9.44 11.27 -23.45
C CYS A 275 -9.68 11.63 -21.99
N TYR A 276 -8.97 10.95 -21.08
CA TYR A 276 -9.18 11.02 -19.62
C TYR A 276 -7.84 11.03 -18.86
N THR A 277 -7.67 12.01 -17.96
CA THR A 277 -6.76 11.93 -16.78
C THR A 277 -7.42 11.05 -15.71
N MET A 278 -6.62 10.42 -14.85
CA MET A 278 -7.11 9.48 -13.80
C MET A 278 -8.09 10.16 -12.82
N VAL A 279 -8.08 11.50 -12.71
CA VAL A 279 -9.02 12.24 -11.82
C VAL A 279 -10.40 12.25 -12.46
N GLU A 280 -10.51 11.80 -13.72
CA GLU A 280 -11.79 11.78 -14.47
C GLU A 280 -12.39 10.36 -14.47
N ILE A 281 -11.76 9.39 -13.79
CA ILE A 281 -12.15 7.95 -13.82
C ILE A 281 -12.64 7.53 -12.45
N PRO A 282 -13.85 6.95 -12.32
CA PRO A 282 -14.29 6.38 -11.05
C PRO A 282 -13.28 5.35 -10.53
N VAL A 283 -12.79 5.54 -9.30
CA VAL A 283 -11.66 4.73 -8.77
C VAL A 283 -12.08 3.24 -8.72
N ILE A 284 -13.38 2.93 -8.74
CA ILE A 284 -13.87 1.51 -8.69
C ILE A 284 -13.56 0.81 -10.03
N ASP A 285 -13.52 1.57 -11.12
CA ASP A 285 -13.29 1.01 -12.47
C ASP A 285 -11.86 0.47 -12.54
N LEU A 286 -10.98 0.94 -11.65
CA LEU A 286 -9.53 0.57 -11.59
C LEU A 286 -9.39 -0.86 -11.12
N LEU A 287 -10.41 -1.38 -10.42
CA LEU A 287 -10.38 -2.76 -9.83
C LEU A 287 -11.16 -3.75 -10.69
N ALA A 288 -10.79 -5.03 -10.58
CA ALA A 288 -11.52 -6.18 -11.13
C ALA A 288 -12.68 -6.54 -10.20
N GLY A 289 -13.83 -6.94 -10.75
CA GLY A 289 -14.97 -7.52 -9.99
C GLY A 289 -16.27 -6.79 -10.24
N GLU A 290 -17.36 -7.30 -9.68
CA GLU A 290 -18.72 -6.70 -9.78
C GLU A 290 -18.80 -5.52 -8.80
N ARG A 291 -19.23 -4.36 -9.30
CA ARG A 291 -19.48 -3.12 -8.50
C ARG A 291 -20.06 -3.47 -7.12
N GLU A 292 -21.10 -4.31 -7.09
CA GLU A 292 -21.84 -4.67 -5.86
C GLU A 292 -20.87 -5.33 -4.87
N ASP A 293 -20.12 -6.34 -5.31
CA ASP A 293 -19.14 -7.09 -4.49
C ASP A 293 -18.06 -6.14 -3.96
N LEU A 294 -17.59 -5.23 -4.81
CA LEU A 294 -16.49 -4.29 -4.48
C LEU A 294 -17.02 -3.26 -3.47
N ILE A 295 -18.23 -2.74 -3.66
CA ILE A 295 -18.87 -1.76 -2.73
C ILE A 295 -19.03 -2.41 -1.34
N LYS A 296 -19.49 -3.65 -1.30
CA LYS A 296 -19.67 -4.43 -0.05
C LYS A 296 -18.34 -4.47 0.71
N ALA A 297 -17.23 -4.61 0.00
CA ALA A 297 -15.87 -4.82 0.58
C ALA A 297 -15.27 -3.50 1.05
N LEU A 298 -15.39 -2.41 0.27
CA LEU A 298 -14.51 -1.20 0.37
C LEU A 298 -15.26 0.05 0.86
N VAL A 299 -16.57 0.15 0.65
CA VAL A 299 -17.36 1.29 1.16
C VAL A 299 -17.99 0.87 2.49
N LYS B 2 -26.18 29.50 -12.82
CA LYS B 2 -24.75 29.69 -12.42
C LYS B 2 -24.49 28.90 -11.15
N LYS B 3 -25.24 29.19 -10.06
CA LYS B 3 -25.04 28.61 -8.69
C LYS B 3 -26.00 27.47 -8.42
N ILE B 4 -25.64 26.58 -7.50
CA ILE B 4 -26.47 25.37 -7.17
C ILE B 4 -27.39 25.70 -5.99
N ARG B 5 -28.67 25.38 -6.14
CA ARG B 5 -29.75 25.70 -5.17
C ARG B 5 -29.93 24.47 -4.29
N ALA B 6 -29.40 24.55 -3.07
CA ALA B 6 -29.35 23.42 -2.13
C ALA B 6 -30.33 23.69 -0.99
N ALA B 7 -31.09 22.67 -0.62
CA ALA B 7 -31.83 22.63 0.65
C ALA B 7 -31.17 21.60 1.56
N ILE B 8 -31.05 21.91 2.85
CA ILE B 8 -30.56 20.97 3.90
C ILE B 8 -31.76 20.42 4.69
N VAL B 9 -31.83 19.10 4.84
CA VAL B 9 -32.91 18.41 5.61
C VAL B 9 -32.33 17.92 6.95
N GLY B 10 -32.62 18.63 8.02
CA GLY B 10 -32.10 18.33 9.37
C GLY B 10 -31.12 19.39 9.79
N TYR B 11 -31.33 20.02 10.95
CA TYR B 11 -30.39 20.98 11.57
C TYR B 11 -29.87 20.40 12.88
N GLY B 12 -29.45 19.13 12.80
CA GLY B 12 -28.58 18.49 13.80
C GLY B 12 -27.17 18.97 13.65
N ASN B 13 -26.22 18.25 14.23
CA ASN B 13 -24.80 18.68 14.31
C ASN B 13 -24.28 18.82 12.89
N ILE B 14 -24.50 17.82 12.04
CA ILE B 14 -24.10 17.89 10.61
C ILE B 14 -24.78 19.10 9.98
N GLY B 15 -26.11 19.17 10.02
CA GLY B 15 -26.84 20.32 9.48
C GLY B 15 -26.10 21.63 9.72
N LYS B 16 -25.72 21.89 10.99
CA LYS B 16 -25.10 23.16 11.44
C LYS B 16 -23.88 23.43 10.56
N PHE B 17 -23.04 22.42 10.39
CA PHE B 17 -21.74 22.49 9.67
C PHE B 17 -22.00 22.52 8.16
N THR B 18 -23.04 21.79 7.70
CA THR B 18 -23.47 21.81 6.28
C THR B 18 -23.86 23.23 5.89
N VAL B 19 -24.55 23.97 6.76
CA VAL B 19 -24.84 25.41 6.48
C VAL B 19 -23.48 26.09 6.26
N GLU B 20 -22.55 25.93 7.21
CA GLU B 20 -21.23 26.61 7.21
C GLU B 20 -20.51 26.31 5.90
N ALA B 21 -20.66 25.09 5.39
CA ALA B 21 -19.95 24.57 4.20
C ALA B 21 -20.60 25.09 2.92
N VAL B 22 -21.92 25.19 2.89
CA VAL B 22 -22.71 25.76 1.75
C VAL B 22 -22.48 27.29 1.75
N GLU B 23 -22.45 27.92 2.91
CA GLU B 23 -22.17 29.38 3.04
C GLU B 23 -20.82 29.68 2.38
N ALA B 24 -19.89 28.72 2.38
CA ALA B 24 -18.47 28.91 1.99
C ALA B 24 -18.24 28.53 0.53
N ALA B 25 -19.14 27.75 -0.07
CA ALA B 25 -19.12 27.40 -1.51
C ALA B 25 -19.69 28.56 -2.34
N GLU B 26 -18.82 29.33 -3.02
CA GLU B 26 -19.25 30.47 -3.87
C GLU B 26 -20.12 29.96 -5.03
N ASP B 27 -20.18 28.65 -5.29
CA ASP B 27 -21.00 28.07 -6.39
C ASP B 27 -22.33 27.50 -5.85
N PHE B 28 -22.71 27.87 -4.63
CA PHE B 28 -23.95 27.37 -3.99
C PHE B 28 -24.83 28.55 -3.55
N GLU B 29 -26.14 28.30 -3.61
CA GLU B 29 -27.19 29.10 -2.93
C GLU B 29 -27.91 28.17 -1.95
N LEU B 30 -28.05 28.60 -0.70
CA LEU B 30 -28.84 27.88 0.32
C LEU B 30 -30.29 28.35 0.23
N VAL B 31 -31.16 27.56 -0.40
CA VAL B 31 -32.63 27.84 -0.50
C VAL B 31 -33.21 27.91 0.92
N GLY B 32 -33.14 26.81 1.65
CA GLY B 32 -33.61 26.76 3.06
C GLY B 32 -33.19 25.49 3.77
N ILE B 33 -33.40 25.46 5.08
CA ILE B 33 -33.23 24.27 5.96
C ILE B 33 -34.64 23.70 6.19
N VAL B 34 -34.76 22.38 6.20
CA VAL B 34 -36.03 21.65 6.49
C VAL B 34 -35.87 20.98 7.86
N ARG B 35 -36.67 21.41 8.83
CA ARG B 35 -36.73 20.86 10.20
C ARG B 35 -38.11 20.25 10.44
N ARG B 36 -38.19 19.28 11.36
CA ARG B 36 -39.48 18.77 11.91
C ARG B 36 -40.25 19.97 12.48
N GLN B 37 -39.55 20.82 13.24
CA GLN B 37 -40.15 21.92 14.04
C GLN B 37 -40.12 23.24 13.28
N GLY B 38 -40.01 23.22 11.95
CA GLY B 38 -39.99 24.43 11.10
C GLY B 38 -39.17 25.58 11.70
N ALA B 39 -39.67 26.81 11.48
CA ALA B 39 -39.01 28.09 11.82
C ALA B 39 -38.98 28.32 13.33
N GLU B 40 -39.62 27.44 14.11
CA GLU B 40 -40.35 27.81 15.36
C GLU B 40 -39.43 28.46 16.39
N ASN B 41 -38.29 27.87 16.71
CA ASN B 41 -37.32 28.49 17.65
C ASN B 41 -36.06 28.84 16.88
N LYS B 42 -36.22 29.41 15.68
CA LYS B 42 -35.16 29.66 14.68
C LYS B 42 -33.89 30.09 15.43
N PRO B 43 -32.76 29.35 15.32
CA PRO B 43 -31.52 29.75 15.99
C PRO B 43 -30.97 31.00 15.34
N ALA B 44 -30.16 31.77 16.07
CA ALA B 44 -29.55 33.04 15.62
C ALA B 44 -28.93 32.87 14.23
N GLU B 45 -28.04 31.88 14.09
CA GLU B 45 -27.20 31.66 12.88
C GLU B 45 -28.07 31.30 11.67
N LEU B 46 -29.34 30.98 11.83
CA LEU B 46 -30.24 30.72 10.68
C LEU B 46 -31.11 31.94 10.37
N ALA B 47 -30.92 33.06 11.09
CA ALA B 47 -31.62 34.32 10.84
C ALA B 47 -31.90 34.44 9.34
N PRO B 48 -30.86 34.58 8.48
CA PRO B 48 -31.05 35.04 7.10
C PRO B 48 -31.48 33.95 6.09
N TYR B 49 -32.08 32.84 6.53
CA TYR B 49 -32.47 31.72 5.64
C TYR B 49 -33.89 31.25 5.97
N LYS B 50 -34.64 30.85 4.94
CA LYS B 50 -36.00 30.32 5.14
C LYS B 50 -35.84 28.94 5.77
N VAL B 51 -36.62 28.66 6.82
CA VAL B 51 -36.71 27.31 7.48
C VAL B 51 -38.17 26.85 7.42
N VAL B 52 -38.42 25.58 7.08
CA VAL B 52 -39.79 25.04 6.79
C VAL B 52 -39.88 23.63 7.40
N GLN B 53 -41.02 22.95 7.21
CA GLN B 53 -41.27 21.56 7.72
C GLN B 53 -41.28 20.53 6.60
N ASP B 54 -41.55 20.95 5.37
CA ASP B 54 -41.58 20.05 4.20
C ASP B 54 -40.74 20.72 3.11
N ILE B 55 -39.94 19.94 2.38
CA ILE B 55 -39.10 20.46 1.27
C ILE B 55 -40.00 21.08 0.20
N LYS B 56 -41.25 20.60 0.07
CA LYS B 56 -42.27 21.10 -0.90
C LYS B 56 -42.47 22.61 -0.73
N GLU B 57 -42.32 23.13 0.50
CA GLU B 57 -42.40 24.59 0.81
C GLU B 57 -41.27 25.37 0.10
N LEU B 58 -40.10 24.76 -0.09
CA LEU B 58 -38.93 25.45 -0.71
C LEU B 58 -39.03 25.37 -2.23
N GLU B 59 -38.42 26.32 -2.95
CA GLU B 59 -38.73 26.45 -4.39
C GLU B 59 -37.44 26.43 -5.23
N GLY B 60 -37.51 25.72 -6.38
CA GLY B 60 -36.42 25.58 -7.36
C GLY B 60 -35.19 24.96 -6.73
N VAL B 61 -35.37 23.85 -6.04
CA VAL B 61 -34.29 23.12 -5.31
C VAL B 61 -33.67 22.11 -6.26
N ASP B 62 -32.35 22.20 -6.48
CA ASP B 62 -31.56 21.27 -7.33
C ASP B 62 -31.21 19.99 -6.57
N VAL B 63 -30.85 20.12 -5.28
CA VAL B 63 -30.27 19.00 -4.47
C VAL B 63 -30.65 19.17 -3.00
N ALA B 64 -31.12 18.08 -2.40
CA ALA B 64 -31.39 17.92 -0.96
C ALA B 64 -30.20 17.21 -0.30
N ILE B 65 -29.50 17.93 0.56
CA ILE B 65 -28.46 17.35 1.48
C ILE B 65 -29.22 16.81 2.69
N LEU B 66 -29.19 15.49 2.87
CA LEU B 66 -29.89 14.80 3.99
C LEU B 66 -28.94 14.74 5.20
N ALA B 67 -29.12 15.66 6.17
CA ALA B 67 -28.42 15.69 7.48
C ALA B 67 -29.26 14.94 8.51
N THR B 68 -29.94 13.88 8.05
CA THR B 68 -30.88 13.02 8.83
C THR B 68 -30.10 11.93 9.53
N PRO B 69 -30.68 11.18 10.50
CA PRO B 69 -30.12 9.90 10.92
C PRO B 69 -30.11 8.88 9.77
N SER B 70 -29.35 7.81 9.94
CA SER B 70 -29.11 6.76 8.93
C SER B 70 -30.40 5.96 8.72
N ARG B 71 -31.12 5.66 9.81
CA ARG B 71 -32.41 4.93 9.82
C ARG B 71 -33.43 5.67 8.93
N SER B 72 -33.32 7.01 8.82
CA SER B 72 -34.30 7.94 8.21
C SER B 72 -33.99 8.27 6.73
N CYS B 73 -32.84 7.85 6.20
CA CYS B 73 -32.29 8.38 4.92
C CYS B 73 -33.14 7.91 3.73
N LYS B 74 -33.34 6.59 3.62
CA LYS B 74 -34.11 5.95 2.51
C LYS B 74 -35.51 6.58 2.42
N GLU B 75 -36.21 6.66 3.56
CA GLU B 75 -37.59 7.23 3.69
C GLU B 75 -37.62 8.62 3.05
N TYR B 76 -36.71 9.53 3.45
CA TYR B 76 -36.65 10.94 2.98
C TYR B 76 -36.25 10.99 1.51
N ALA B 77 -35.38 10.08 1.09
CA ALA B 77 -34.89 10.01 -0.30
C ALA B 77 -36.08 9.63 -1.19
N GLU B 78 -36.74 8.51 -0.90
CA GLU B 78 -37.94 8.00 -1.63
C GLU B 78 -38.99 9.10 -1.71
N LYS B 79 -39.09 9.95 -0.68
CA LYS B 79 -40.01 11.11 -0.61
C LYS B 79 -39.54 12.23 -1.57
N ILE B 80 -38.24 12.56 -1.60
CA ILE B 80 -37.70 13.80 -2.24
C ILE B 80 -37.36 13.58 -3.74
N LEU B 81 -37.21 12.33 -4.19
CA LEU B 81 -36.82 12.00 -5.59
C LEU B 81 -37.98 12.26 -6.55
N PRO B 82 -39.20 11.69 -6.36
CA PRO B 82 -40.35 11.97 -7.23
C PRO B 82 -40.51 13.46 -7.58
N LEU B 83 -40.21 14.35 -6.63
CA LEU B 83 -40.24 15.83 -6.80
C LEU B 83 -39.19 16.27 -7.84
N GLY B 84 -38.39 15.35 -8.37
CA GLY B 84 -37.36 15.59 -9.41
C GLY B 84 -36.03 16.07 -8.85
N ILE B 85 -35.85 16.04 -7.52
CA ILE B 85 -34.71 16.67 -6.77
C ILE B 85 -33.64 15.61 -6.44
N ASN B 86 -32.39 16.04 -6.34
CA ASN B 86 -31.22 15.14 -6.13
C ASN B 86 -30.95 15.03 -4.63
N THR B 87 -30.47 13.86 -4.17
CA THR B 87 -30.33 13.53 -2.72
C THR B 87 -28.94 12.97 -2.43
N VAL B 88 -28.13 13.77 -1.75
CA VAL B 88 -26.84 13.32 -1.15
C VAL B 88 -27.07 13.03 0.33
N ASP B 89 -26.34 12.07 0.89
CA ASP B 89 -26.50 11.65 2.31
C ASP B 89 -25.23 10.93 2.77
N SER B 90 -24.99 10.90 4.08
CA SER B 90 -23.80 10.28 4.72
C SER B 90 -24.17 8.95 5.36
N PHE B 91 -25.13 8.24 4.78
CA PHE B 91 -25.65 6.96 5.32
C PHE B 91 -24.45 6.08 5.66
N ASP B 92 -24.40 5.54 6.88
CA ASP B 92 -23.13 5.06 7.49
C ASP B 92 -23.24 3.62 8.01
N ILE B 93 -24.16 2.80 7.52
CA ILE B 93 -24.29 1.39 7.98
C ILE B 93 -23.66 0.48 6.92
N HIS B 94 -22.35 0.22 7.02
CA HIS B 94 -21.51 -0.31 5.92
C HIS B 94 -22.26 -1.47 5.28
N THR B 95 -22.91 -2.30 6.09
CA THR B 95 -23.52 -3.59 5.69
C THR B 95 -24.72 -3.39 4.75
N ASP B 96 -25.54 -2.35 4.94
CA ASP B 96 -26.80 -2.10 4.17
C ASP B 96 -26.55 -1.37 2.84
N ILE B 97 -25.35 -0.83 2.63
CA ILE B 97 -25.06 0.15 1.54
C ILE B 97 -25.43 -0.43 0.18
N VAL B 98 -25.15 -1.71 -0.05
CA VAL B 98 -25.49 -2.41 -1.34
C VAL B 98 -27.00 -2.36 -1.56
N ASP B 99 -27.81 -2.73 -0.55
CA ASP B 99 -29.29 -2.82 -0.66
C ASP B 99 -29.88 -1.41 -0.85
N TYR B 100 -29.44 -0.45 -0.01
CA TYR B 100 -29.84 0.98 -0.09
C TYR B 100 -29.52 1.53 -1.48
N ARG B 101 -28.43 1.08 -2.10
CA ARG B 101 -28.04 1.53 -3.47
C ARG B 101 -29.07 0.98 -4.47
N SER B 102 -29.25 -0.35 -4.50
CA SER B 102 -30.11 -1.06 -5.47
C SER B 102 -31.58 -0.68 -5.26
N ALA B 103 -31.93 -0.12 -4.08
CA ALA B 103 -33.26 0.44 -3.76
C ALA B 103 -33.51 1.74 -4.54
N LEU B 104 -32.74 2.79 -4.28
CA LEU B 104 -32.91 4.10 -4.99
C LEU B 104 -32.63 3.94 -6.49
N MET B 105 -31.85 2.93 -6.90
CA MET B 105 -31.31 2.85 -8.30
C MET B 105 -32.45 3.14 -9.27
N PRO B 106 -33.47 2.26 -9.40
CA PRO B 106 -34.51 2.44 -10.41
C PRO B 106 -35.33 3.72 -10.18
N LEU B 107 -35.63 4.04 -8.92
CA LEU B 107 -36.43 5.24 -8.54
C LEU B 107 -35.76 6.53 -9.04
N CYS B 108 -34.43 6.58 -8.99
CA CYS B 108 -33.63 7.74 -9.45
C CYS B 108 -33.80 7.89 -10.97
N LYS B 109 -33.71 6.77 -11.68
CA LYS B 109 -33.73 6.68 -13.16
C LYS B 109 -35.10 7.15 -13.68
N GLU B 110 -36.17 6.46 -13.24
CA GLU B 110 -37.60 6.76 -13.52
C GLU B 110 -37.86 8.28 -13.41
N HIS B 111 -37.24 8.97 -12.44
CA HIS B 111 -37.44 10.42 -12.18
C HIS B 111 -36.27 11.29 -12.69
N HIS B 112 -35.48 10.77 -13.65
CA HIS B 112 -34.35 11.48 -14.32
C HIS B 112 -33.67 12.43 -13.31
N ALA B 113 -33.10 11.87 -12.23
CA ALA B 113 -32.44 12.59 -11.12
C ALA B 113 -31.45 11.66 -10.39
N VAL B 114 -30.53 12.24 -9.60
CA VAL B 114 -29.31 11.55 -9.05
C VAL B 114 -29.33 11.53 -7.52
N SER B 115 -29.06 10.36 -6.94
CA SER B 115 -28.81 10.12 -5.49
C SER B 115 -27.36 9.69 -5.32
N ILE B 116 -26.58 10.43 -4.52
CA ILE B 116 -25.27 9.96 -3.99
C ILE B 116 -25.44 9.64 -2.49
N ILE B 117 -25.10 8.41 -2.13
CA ILE B 117 -25.33 7.79 -0.79
C ILE B 117 -23.99 7.51 -0.10
N SER B 118 -24.01 7.39 1.22
CA SER B 118 -22.83 6.99 2.03
C SER B 118 -21.64 7.87 1.64
N ALA B 119 -21.80 9.18 1.84
CA ALA B 119 -20.89 10.27 1.41
C ALA B 119 -20.52 11.19 2.60
N GLY B 120 -19.96 10.59 3.65
CA GLY B 120 -19.22 11.32 4.70
C GLY B 120 -17.73 11.15 4.49
N TRP B 121 -16.94 11.06 5.57
CA TRP B 121 -15.50 10.74 5.44
C TRP B 121 -15.28 9.22 5.55
N ASP B 122 -16.16 8.50 6.24
CA ASP B 122 -16.12 7.02 6.28
C ASP B 122 -17.49 6.48 6.70
N PRO B 123 -18.31 5.95 5.77
CA PRO B 123 -17.97 5.86 4.35
C PRO B 123 -18.09 7.22 3.63
N GLY B 124 -17.50 7.28 2.43
CA GLY B 124 -17.28 8.50 1.64
C GLY B 124 -15.81 8.66 1.28
N SER B 125 -15.23 9.84 1.61
CA SER B 125 -13.80 10.19 1.43
C SER B 125 -12.94 8.94 1.52
N ASP B 126 -12.88 8.32 2.70
CA ASP B 126 -11.99 7.16 2.97
C ASP B 126 -12.32 5.99 2.03
N SER B 127 -13.59 5.84 1.65
CA SER B 127 -14.03 4.74 0.75
C SER B 127 -13.26 4.85 -0.58
N VAL B 128 -13.02 6.09 -1.03
CA VAL B 128 -12.26 6.40 -2.28
C VAL B 128 -10.79 5.96 -2.07
N VAL B 129 -10.15 6.48 -1.02
CA VAL B 129 -8.70 6.22 -0.74
C VAL B 129 -8.51 4.71 -0.62
N ARG B 130 -9.39 4.04 0.12
CA ARG B 130 -9.30 2.59 0.42
C ARG B 130 -9.31 1.81 -0.89
N THR B 131 -10.13 2.29 -1.84
CA THR B 131 -10.37 1.70 -3.19
C THR B 131 -9.12 1.93 -4.06
N LEU B 132 -8.64 3.17 -4.16
CA LEU B 132 -7.38 3.52 -4.88
C LEU B 132 -6.24 2.64 -4.35
N MET B 133 -6.06 2.61 -3.02
CA MET B 133 -5.03 1.80 -2.32
C MET B 133 -5.15 0.33 -2.72
N GLN B 134 -6.35 -0.22 -2.76
CA GLN B 134 -6.59 -1.62 -3.17
C GLN B 134 -5.99 -1.81 -4.57
N SER B 135 -6.29 -0.87 -5.47
CA SER B 135 -5.87 -0.86 -6.89
C SER B 135 -4.33 -0.84 -6.95
N LEU B 136 -3.68 -0.02 -6.12
CA LEU B 136 -2.20 0.17 -6.17
C LEU B 136 -1.50 -1.16 -5.88
N ALA B 137 -2.09 -2.06 -5.09
CA ALA B 137 -1.52 -3.39 -4.79
C ALA B 137 -2.64 -4.41 -4.52
N PRO B 138 -3.27 -4.94 -5.59
CA PRO B 138 -4.45 -5.78 -5.44
C PRO B 138 -4.25 -7.13 -4.73
N LYS B 139 -3.03 -7.53 -4.36
CA LYS B 139 -2.84 -8.68 -3.43
C LYS B 139 -2.26 -8.17 -2.12
N GLY B 140 -2.80 -8.63 -0.98
CA GLY B 140 -2.35 -8.26 0.37
C GLY B 140 -3.49 -7.84 1.29
N LEU B 141 -3.22 -6.94 2.25
CA LEU B 141 -4.12 -6.58 3.37
C LEU B 141 -4.26 -5.06 3.53
N SER B 142 -5.49 -4.60 3.72
CA SER B 142 -5.83 -3.19 4.04
C SER B 142 -6.39 -3.17 5.45
N TYR B 143 -6.19 -2.07 6.15
CA TYR B 143 -6.58 -1.90 7.56
C TYR B 143 -7.14 -0.48 7.71
N THR B 144 -8.36 -0.36 8.23
CA THR B 144 -8.99 0.93 8.61
C THR B 144 -8.92 1.07 10.14
N ASN B 145 -8.29 2.15 10.61
CA ASN B 145 -7.93 2.41 12.02
C ASN B 145 -8.49 3.77 12.43
N PHE B 146 -9.65 3.75 13.08
CA PHE B 146 -10.37 4.98 13.52
C PHE B 146 -9.85 5.47 14.87
N GLY B 147 -9.80 6.79 15.00
CA GLY B 147 -9.67 7.49 16.29
C GLY B 147 -8.23 7.91 16.56
N PRO B 148 -7.97 8.55 17.71
CA PRO B 148 -8.99 8.72 18.75
C PRO B 148 -10.12 9.69 18.35
N GLY B 149 -11.36 9.28 18.59
CA GLY B 149 -12.57 10.11 18.39
C GLY B 149 -13.81 9.50 19.03
N MET B 150 -14.86 10.31 19.20
CA MET B 150 -16.17 9.90 19.77
C MET B 150 -16.88 8.96 18.80
N SER B 151 -17.66 8.01 19.29
CA SER B 151 -18.45 7.05 18.47
C SER B 151 -19.95 7.22 18.76
N MET B 152 -20.69 7.92 17.88
CA MET B 152 -22.15 8.16 18.07
C MET B 152 -22.83 6.79 18.36
N GLY B 153 -22.54 5.76 17.57
CA GLY B 153 -23.17 4.43 17.71
C GLY B 153 -22.95 3.80 19.08
N HIS B 154 -21.68 3.61 19.45
CA HIS B 154 -21.25 2.98 20.74
C HIS B 154 -21.67 3.86 21.91
N SER B 155 -21.56 5.20 21.80
CA SER B 155 -22.05 6.19 22.79
C SER B 155 -23.52 5.89 23.13
N VAL B 156 -24.34 5.69 22.10
CA VAL B 156 -25.81 5.42 22.21
C VAL B 156 -26.01 4.06 22.88
N CYS B 157 -25.37 3.02 22.33
CA CYS B 157 -25.50 1.61 22.77
C CYS B 157 -25.06 1.45 24.24
N ALA B 158 -24.44 2.47 24.83
CA ALA B 158 -23.96 2.47 26.23
C ALA B 158 -24.96 3.21 27.10
N ARG B 159 -25.51 4.34 26.64
CA ARG B 159 -26.62 5.07 27.33
C ARG B 159 -27.78 4.08 27.54
N SER B 160 -28.04 3.23 26.53
CA SER B 160 -29.17 2.27 26.49
C SER B 160 -29.12 1.30 27.68
N LYS B 161 -27.94 1.03 28.25
CA LYS B 161 -27.77 0.01 29.31
C LYS B 161 -28.17 0.59 30.66
N LYS B 162 -28.56 -0.30 31.59
CA LYS B 162 -29.16 0.01 32.91
C LYS B 162 -28.10 0.64 33.81
N GLY B 163 -28.48 1.71 34.52
CA GLY B 163 -27.65 2.41 35.52
C GLY B 163 -26.87 3.56 34.91
N VAL B 164 -27.02 3.74 33.59
CA VAL B 164 -26.24 4.69 32.75
C VAL B 164 -27.13 5.89 32.45
N LYS B 165 -26.92 7.00 33.16
CA LYS B 165 -27.65 8.28 32.92
C LYS B 165 -27.21 8.82 31.57
N ASN B 166 -25.91 9.15 31.47
CA ASN B 166 -25.23 9.62 30.24
C ASN B 166 -24.04 8.68 29.95
N ALA B 167 -23.53 8.67 28.72
CA ALA B 167 -22.33 7.89 28.34
C ALA B 167 -21.79 8.37 27.00
N LEU B 168 -20.46 8.48 26.92
CA LEU B 168 -19.68 8.74 25.69
C LEU B 168 -18.68 7.59 25.50
N SER B 169 -18.71 6.91 24.35
CA SER B 169 -17.73 5.85 23.98
C SER B 169 -16.67 6.43 23.03
N MET B 170 -15.43 6.55 23.49
CA MET B 170 -14.26 6.87 22.64
C MET B 170 -13.83 5.59 21.89
N THR B 171 -13.36 5.76 20.65
CA THR B 171 -12.83 4.68 19.79
C THR B 171 -11.35 4.97 19.54
N ILE B 172 -10.51 4.02 19.94
CA ILE B 172 -9.03 4.15 20.02
C ILE B 172 -8.44 3.10 19.09
N PRO B 173 -7.60 3.48 18.11
CA PRO B 173 -7.02 2.52 17.18
C PRO B 173 -5.81 1.82 17.82
N LEU B 174 -5.77 0.50 17.79
CA LEU B 174 -4.60 -0.30 18.25
C LEU B 174 -3.98 -0.97 17.04
N GLY B 175 -4.30 -0.48 15.83
CA GLY B 175 -3.66 -0.87 14.55
C GLY B 175 -4.23 -2.15 13.97
N GLU B 176 -4.10 -2.35 12.66
CA GLU B 176 -4.49 -3.61 11.99
C GLU B 176 -6.00 -3.84 12.19
N GLY B 177 -6.78 -2.76 12.27
CA GLY B 177 -8.26 -2.83 12.32
C GLY B 177 -8.78 -3.10 13.72
N ILE B 178 -7.91 -3.56 14.63
CA ILE B 178 -8.22 -3.74 16.07
C ILE B 178 -8.36 -2.38 16.77
N HIS B 179 -9.34 -2.27 17.68
CA HIS B 179 -9.66 -1.04 18.43
C HIS B 179 -9.85 -1.30 19.92
N ARG B 180 -9.69 -0.23 20.69
CA ARG B 180 -9.98 -0.13 22.13
C ARG B 180 -11.16 0.82 22.32
N ARG B 181 -12.07 0.45 23.21
CA ARG B 181 -13.23 1.28 23.62
C ARG B 181 -12.95 1.84 25.01
N MET B 182 -12.83 3.16 25.11
CA MET B 182 -12.83 3.88 26.40
C MET B 182 -14.25 4.44 26.55
N VAL B 183 -15.06 3.84 27.42
CA VAL B 183 -16.44 4.32 27.73
C VAL B 183 -16.36 5.14 29.02
N TYR B 184 -16.92 6.36 29.01
CA TYR B 184 -17.02 7.27 30.18
C TYR B 184 -18.51 7.39 30.52
N VAL B 185 -18.91 7.15 31.78
CA VAL B 185 -20.35 7.09 32.20
C VAL B 185 -20.66 8.00 33.39
N GLU B 186 -21.85 8.58 33.37
CA GLU B 186 -22.58 9.14 34.54
C GLU B 186 -23.52 8.04 35.07
N LEU B 187 -23.23 7.56 36.27
CA LEU B 187 -24.06 6.52 36.94
C LEU B 187 -25.38 7.15 37.38
N GLU B 188 -26.51 6.52 37.05
CA GLU B 188 -27.82 6.84 37.66
C GLU B 188 -27.73 6.49 39.14
N GLU B 189 -28.01 7.47 40.00
CA GLU B 189 -27.79 7.40 41.46
C GLU B 189 -28.40 6.07 41.94
N GLY B 190 -27.59 5.17 42.50
CA GLY B 190 -28.06 3.84 42.96
C GLY B 190 -27.22 2.71 42.38
N ALA B 191 -27.17 2.60 41.05
CA ALA B 191 -26.38 1.59 40.29
C ALA B 191 -24.88 1.78 40.52
N THR B 192 -24.07 0.74 40.30
CA THR B 192 -22.60 0.76 40.52
C THR B 192 -21.85 0.52 39.20
N LEU B 193 -20.57 0.89 39.20
CA LEU B 193 -19.67 0.81 38.02
C LEU B 193 -19.60 -0.65 37.54
N ASP B 194 -19.53 -1.64 38.44
CA ASP B 194 -19.36 -3.06 38.06
C ASP B 194 -20.57 -3.55 37.28
N GLU B 195 -21.76 -3.30 37.85
CA GLU B 195 -23.04 -3.73 37.24
C GLU B 195 -23.07 -3.23 35.80
N VAL B 196 -22.88 -1.91 35.63
CA VAL B 196 -22.88 -1.19 34.32
C VAL B 196 -21.80 -1.77 33.40
N THR B 197 -20.55 -1.88 33.89
CA THR B 197 -19.39 -2.43 33.14
C THR B 197 -19.76 -3.81 32.57
N LYS B 198 -20.15 -4.76 33.43
CA LYS B 198 -20.58 -6.12 33.02
C LYS B 198 -21.65 -5.99 31.93
N GLU B 199 -22.57 -5.02 32.11
CA GLU B 199 -23.80 -4.85 31.29
C GLU B 199 -23.42 -4.33 29.89
N ILE B 200 -22.40 -3.48 29.79
CA ILE B 200 -21.86 -2.95 28.51
C ILE B 200 -21.13 -4.07 27.78
N LYS B 201 -20.06 -4.60 28.38
CA LYS B 201 -19.14 -5.62 27.79
C LYS B 201 -19.92 -6.84 27.27
N ALA B 202 -21.09 -7.13 27.82
CA ALA B 202 -21.95 -8.27 27.41
C ALA B 202 -22.42 -8.06 25.96
N ASP B 203 -22.73 -6.81 25.60
CA ASP B 203 -23.28 -6.39 24.29
C ASP B 203 -22.29 -6.67 23.17
N PRO B 204 -22.73 -7.25 22.04
CA PRO B 204 -21.89 -7.44 20.86
C PRO B 204 -21.00 -6.27 20.39
N TYR B 205 -21.48 -5.02 20.54
CA TYR B 205 -20.77 -3.78 20.17
C TYR B 205 -19.45 -3.62 20.94
N PHE B 206 -19.27 -4.33 22.07
CA PHE B 206 -18.14 -4.18 23.00
C PHE B 206 -17.48 -5.53 23.33
N ALA B 207 -18.18 -6.65 23.14
CA ALA B 207 -17.80 -7.97 23.69
C ALA B 207 -16.56 -8.49 22.98
N HIS B 208 -16.24 -7.98 21.79
CA HIS B 208 -15.14 -8.47 20.92
C HIS B 208 -14.00 -7.46 20.87
N ASP B 209 -14.05 -6.41 21.69
CA ASP B 209 -13.05 -5.31 21.71
C ASP B 209 -12.63 -5.03 23.14
N GLU B 210 -11.34 -4.77 23.36
CA GLU B 210 -10.79 -4.32 24.66
C GLU B 210 -11.58 -3.08 25.11
N THR B 211 -12.32 -3.18 26.22
CA THR B 211 -13.19 -2.10 26.74
C THR B 211 -12.78 -1.72 28.17
N HIS B 212 -12.67 -0.43 28.45
CA HIS B 212 -12.43 0.11 29.81
C HIS B 212 -13.58 1.07 30.12
N VAL B 213 -14.31 0.82 31.20
CA VAL B 213 -15.48 1.66 31.57
C VAL B 213 -15.10 2.44 32.82
N MET B 214 -15.15 3.77 32.72
CA MET B 214 -14.87 4.73 33.83
C MET B 214 -16.16 5.49 34.14
N ALA B 215 -16.35 5.86 35.39
CA ALA B 215 -17.44 6.74 35.87
C ALA B 215 -16.87 8.15 36.06
N VAL B 216 -17.59 9.17 35.57
CA VAL B 216 -17.17 10.60 35.63
C VAL B 216 -18.36 11.47 36.03
N ASP B 217 -18.06 12.62 36.63
CA ASP B 217 -19.05 13.66 37.05
C ASP B 217 -19.85 14.09 35.82
N SER B 218 -19.20 14.67 34.80
CA SER B 218 -19.85 15.23 33.59
C SER B 218 -19.33 14.56 32.33
N VAL B 219 -20.21 13.95 31.53
CA VAL B 219 -19.88 13.42 30.19
C VAL B 219 -19.57 14.59 29.24
N ASP B 220 -20.36 15.66 29.30
CA ASP B 220 -20.16 16.86 28.45
C ASP B 220 -18.77 17.43 28.67
N ALA B 221 -18.18 17.24 29.86
CA ALA B 221 -16.87 17.83 30.23
C ALA B 221 -15.73 17.06 29.56
N VAL B 222 -16.00 15.89 28.97
CA VAL B 222 -14.94 15.04 28.36
C VAL B 222 -15.14 14.93 26.84
N LYS B 223 -16.22 15.53 26.30
CA LYS B 223 -16.60 15.49 24.85
C LYS B 223 -15.61 16.30 23.98
N ASP B 224 -15.41 15.86 22.73
CA ASP B 224 -14.70 16.64 21.67
C ASP B 224 -14.93 15.98 20.30
N MET B 225 -15.25 16.78 19.29
CA MET B 225 -15.69 16.33 17.94
C MET B 225 -14.45 16.03 17.08
N GLY B 226 -13.25 16.34 17.56
CA GLY B 226 -12.01 15.77 17.01
C GLY B 226 -12.19 14.29 16.71
N HIS B 227 -11.41 13.79 15.76
CA HIS B 227 -11.47 12.41 15.25
C HIS B 227 -10.36 12.21 14.22
N GLY B 228 -10.17 10.97 13.74
CA GLY B 228 -9.21 10.70 12.68
C GLY B 228 -9.29 9.28 12.15
N VAL B 229 -8.36 8.94 11.27
CA VAL B 229 -8.26 7.59 10.68
C VAL B 229 -6.82 7.39 10.20
N HIS B 230 -6.35 6.13 10.27
CA HIS B 230 -5.10 5.63 9.65
C HIS B 230 -5.50 4.44 8.77
N LEU B 231 -5.67 4.68 7.46
CA LEU B 231 -5.81 3.67 6.40
C LEU B 231 -4.41 3.23 5.97
N VAL B 232 -4.23 1.92 5.82
CA VAL B 232 -2.90 1.26 5.68
C VAL B 232 -3.09 0.08 4.73
N ARG B 233 -2.24 -0.01 3.69
CA ARG B 233 -2.16 -1.22 2.84
C ARG B 233 -0.70 -1.63 2.69
N LYS B 234 -0.44 -2.91 2.96
CA LYS B 234 0.82 -3.62 2.62
C LYS B 234 0.46 -4.74 1.66
N GLY B 235 1.06 -4.78 0.48
CA GLY B 235 0.70 -5.76 -0.56
C GLY B 235 1.63 -5.75 -1.75
N VAL B 236 1.11 -6.25 -2.87
CA VAL B 236 1.89 -6.67 -4.07
C VAL B 236 1.42 -5.86 -5.27
N SER B 237 2.30 -5.04 -5.88
CA SER B 237 2.06 -4.45 -7.22
C SER B 237 2.65 -5.42 -8.23
N GLY B 238 1.87 -5.83 -9.24
CA GLY B 238 2.25 -6.91 -10.17
C GLY B 238 2.61 -8.18 -9.42
N LYS B 239 3.89 -8.53 -9.38
CA LYS B 239 4.37 -9.60 -8.48
C LYS B 239 5.55 -9.10 -7.63
N THR B 240 5.67 -7.77 -7.46
CA THR B 240 6.71 -7.11 -6.63
C THR B 240 6.16 -6.95 -5.21
N GLN B 241 6.79 -7.59 -4.22
CA GLN B 241 6.27 -7.67 -2.82
C GLN B 241 6.50 -6.33 -2.08
N ASN B 242 5.91 -6.21 -0.88
CA ASN B 242 6.27 -5.27 0.21
C ASN B 242 6.07 -3.80 -0.22
N GLN B 243 5.04 -3.52 -1.02
CA GLN B 243 4.56 -2.15 -1.35
C GLN B 243 3.71 -1.62 -0.19
N ARG B 244 4.04 -0.43 0.33
CA ARG B 244 3.45 0.10 1.59
C ARG B 244 2.93 1.50 1.31
N MET B 245 1.78 1.86 1.89
CA MET B 245 1.10 3.15 1.70
C MET B 245 0.17 3.42 2.89
N GLU B 246 0.11 4.66 3.36
CA GLU B 246 -0.66 5.10 4.54
C GLU B 246 -1.46 6.33 4.16
N PHE B 247 -2.69 6.47 4.64
CA PHE B 247 -3.51 7.72 4.57
C PHE B 247 -4.01 8.00 5.97
N SER B 248 -3.88 9.23 6.44
CA SER B 248 -4.18 9.62 7.85
C SER B 248 -4.93 10.96 7.86
N MET B 249 -5.81 11.16 8.83
CA MET B 249 -6.47 12.48 9.05
C MET B 249 -6.45 12.79 10.53
N SER B 250 -6.35 14.08 10.84
CA SER B 250 -6.59 14.68 12.17
C SER B 250 -7.62 15.80 11.97
N ILE B 251 -8.90 15.50 12.12
CA ILE B 251 -10.00 16.40 11.64
C ILE B 251 -11.11 16.57 12.67
N ASN B 252 -11.91 17.61 12.45
CA ASN B 252 -13.22 17.81 13.09
C ASN B 252 -14.26 16.97 12.34
N ASN B 253 -14.73 15.88 12.94
CA ASN B 253 -15.60 14.86 12.30
C ASN B 253 -16.77 15.52 11.56
N PRO B 254 -17.76 16.14 12.23
CA PRO B 254 -18.99 16.57 11.57
C PRO B 254 -18.74 17.71 10.55
N ALA B 255 -17.74 18.55 10.81
CA ALA B 255 -17.29 19.65 9.93
C ALA B 255 -16.92 19.09 8.56
N LEU B 256 -16.23 17.93 8.55
CA LEU B 256 -15.66 17.30 7.34
C LEU B 256 -16.78 16.57 6.61
N THR B 257 -17.60 15.82 7.34
CA THR B 257 -18.79 15.13 6.79
C THR B 257 -19.64 16.12 5.98
N ALA B 258 -19.85 17.31 6.55
CA ALA B 258 -20.60 18.42 5.91
C ALA B 258 -19.97 18.75 4.58
N GLN B 259 -18.68 19.10 4.58
CA GLN B 259 -17.93 19.56 3.37
C GLN B 259 -17.99 18.50 2.27
N VAL B 260 -17.89 17.21 2.62
CA VAL B 260 -18.00 16.11 1.63
C VAL B 260 -19.42 16.13 1.04
N LEU B 261 -20.46 16.27 1.87
CA LEU B 261 -21.89 16.30 1.43
C LEU B 261 -22.07 17.41 0.39
N VAL B 262 -21.62 18.63 0.69
CA VAL B 262 -21.61 19.77 -0.28
C VAL B 262 -20.92 19.29 -1.57
N ASN B 263 -19.78 18.62 -1.44
CA ASN B 263 -18.96 18.19 -2.61
C ASN B 263 -19.79 17.23 -3.47
N VAL B 264 -20.44 16.23 -2.86
CA VAL B 264 -21.23 15.22 -3.64
C VAL B 264 -22.54 15.86 -4.10
N ALA B 265 -23.01 16.92 -3.45
CA ALA B 265 -24.13 17.75 -3.93
C ALA B 265 -23.73 18.37 -5.26
N ARG B 266 -22.62 19.11 -5.29
CA ARG B 266 -21.99 19.68 -6.52
C ARG B 266 -21.79 18.57 -7.58
N ALA B 267 -21.39 17.37 -7.17
CA ALA B 267 -21.00 16.30 -8.10
C ALA B 267 -22.25 15.69 -8.76
N SER B 268 -23.40 15.74 -8.08
CA SER B 268 -24.66 15.07 -8.54
C SER B 268 -25.20 15.78 -9.78
N MET B 269 -24.91 17.09 -9.89
CA MET B 269 -25.26 17.98 -11.02
C MET B 269 -24.55 17.58 -12.32
N HIS B 270 -23.75 16.50 -12.36
CA HIS B 270 -22.98 16.11 -13.57
C HIS B 270 -23.00 14.58 -13.73
N GLN B 271 -24.10 13.88 -13.46
CA GLN B 271 -24.14 12.39 -13.56
C GLN B 271 -25.41 11.90 -14.26
N GLN B 272 -25.28 10.85 -15.09
CA GLN B 272 -26.44 10.10 -15.67
C GLN B 272 -27.34 9.70 -14.51
N PRO B 273 -28.66 9.97 -14.58
CA PRO B 273 -29.59 9.61 -13.50
C PRO B 273 -29.34 8.20 -12.95
N GLY B 274 -29.33 8.07 -11.62
CA GLY B 274 -29.08 6.81 -10.89
C GLY B 274 -28.51 7.02 -9.48
N CYS B 275 -28.26 5.91 -8.77
CA CYS B 275 -27.68 5.91 -7.40
C CYS B 275 -26.19 5.59 -7.46
N TYR B 276 -25.40 6.32 -6.66
CA TYR B 276 -23.92 6.28 -6.66
C TYR B 276 -23.36 6.31 -5.22
N THR B 277 -22.48 5.34 -4.91
CA THR B 277 -21.46 5.46 -3.83
C THR B 277 -20.31 6.34 -4.34
N MET B 278 -19.54 6.96 -3.43
CA MET B 278 -18.49 7.94 -3.79
C MET B 278 -17.37 7.28 -4.62
N VAL B 279 -17.23 5.94 -4.59
CA VAL B 279 -16.20 5.21 -5.40
C VAL B 279 -16.65 5.18 -6.85
N GLU B 280 -17.88 5.61 -7.13
CA GLU B 280 -18.46 5.61 -8.50
C GLU B 280 -18.37 7.02 -9.11
N ILE B 281 -17.83 8.00 -8.38
CA ILE B 281 -17.80 9.42 -8.80
C ILE B 281 -16.37 9.87 -9.06
N PRO B 282 -16.04 10.39 -10.27
CA PRO B 282 -14.74 11.00 -10.52
C PRO B 282 -14.42 12.06 -9.47
N VAL B 283 -13.26 11.93 -8.82
CA VAL B 283 -12.87 12.81 -7.70
C VAL B 283 -12.85 14.27 -8.18
N ILE B 284 -12.72 14.53 -9.49
CA ILE B 284 -12.66 15.92 -10.02
C ILE B 284 -14.03 16.58 -9.87
N ASP B 285 -15.10 15.79 -9.95
CA ASP B 285 -16.49 16.32 -9.92
C ASP B 285 -16.77 16.91 -8.54
N LEU B 286 -16.00 16.49 -7.53
CA LEU B 286 -16.15 16.92 -6.10
C LEU B 286 -15.72 18.38 -5.96
N LEU B 287 -14.90 18.88 -6.88
CA LEU B 287 -14.35 20.26 -6.84
C LEU B 287 -15.12 21.18 -7.80
N ALA B 288 -15.11 22.47 -7.47
CA ALA B 288 -15.60 23.57 -8.32
C ALA B 288 -14.49 23.96 -9.30
N GLY B 289 -14.85 24.30 -10.54
CA GLY B 289 -13.93 24.85 -11.56
C GLY B 289 -14.07 24.12 -12.89
N GLU B 290 -13.43 24.65 -13.95
CA GLU B 290 -13.31 23.99 -15.27
C GLU B 290 -12.27 22.87 -15.18
N ARG B 291 -12.64 21.67 -15.63
CA ARG B 291 -11.78 20.45 -15.68
C ARG B 291 -10.33 20.83 -16.06
N GLU B 292 -10.15 21.65 -17.09
CA GLU B 292 -8.82 22.03 -17.62
C GLU B 292 -8.03 22.75 -16.52
N ASP B 293 -8.62 23.76 -15.88
CA ASP B 293 -8.00 24.54 -14.78
C ASP B 293 -7.62 23.60 -13.62
N LEU B 294 -8.51 22.67 -13.28
CA LEU B 294 -8.33 21.76 -12.13
C LEU B 294 -7.21 20.76 -12.46
N ILE B 295 -7.20 20.22 -13.68
CA ILE B 295 -6.17 19.26 -14.15
C ILE B 295 -4.79 19.95 -14.13
N LYS B 296 -4.73 21.20 -14.57
CA LYS B 296 -3.48 22.01 -14.60
C LYS B 296 -2.91 22.09 -13.19
N ALA B 297 -3.77 22.22 -12.18
CA ALA B 297 -3.40 22.45 -10.77
C ALA B 297 -2.98 21.13 -10.09
N LEU B 298 -3.72 20.03 -10.30
CA LEU B 298 -3.70 18.84 -9.40
C LEU B 298 -3.03 17.60 -10.06
N VAL B 299 -3.08 17.48 -11.38
CA VAL B 299 -2.47 16.31 -12.09
C VAL B 299 -1.07 16.71 -12.55
N LYS C 2 39.40 -17.10 -9.87
CA LYS C 2 38.89 -15.74 -9.53
C LYS C 2 37.77 -15.88 -8.49
N LYS C 3 36.70 -16.61 -8.82
CA LYS C 3 35.33 -16.48 -8.26
C LYS C 3 35.05 -17.64 -7.29
N ILE C 4 33.99 -17.54 -6.49
CA ILE C 4 33.57 -18.65 -5.58
C ILE C 4 32.57 -19.56 -6.31
N ARG C 5 32.80 -20.86 -6.23
CA ARG C 5 32.00 -21.90 -6.94
C ARG C 5 30.96 -22.41 -5.95
N ALA C 6 29.73 -21.95 -6.13
CA ALA C 6 28.62 -22.24 -5.21
C ALA C 6 27.65 -23.17 -5.90
N ALA C 7 27.20 -24.18 -5.17
CA ALA C 7 26.01 -24.98 -5.52
C ALA C 7 24.87 -24.62 -4.56
N ILE C 8 23.65 -24.52 -5.07
CA ILE C 8 22.42 -24.33 -4.26
C ILE C 8 21.70 -25.69 -4.11
N VAL C 9 21.36 -26.09 -2.89
CA VAL C 9 20.66 -27.37 -2.58
C VAL C 9 19.20 -27.05 -2.21
N GLY C 10 18.28 -27.28 -3.15
CA GLY C 10 16.85 -26.97 -2.99
C GLY C 10 16.47 -25.78 -3.82
N TYR C 11 15.43 -25.90 -4.64
CA TYR C 11 14.87 -24.78 -5.46
C TYR C 11 13.45 -24.48 -4.99
N GLY C 12 13.31 -24.35 -3.68
CA GLY C 12 12.15 -23.73 -3.03
C GLY C 12 12.16 -22.23 -3.23
N ASN C 13 11.32 -21.52 -2.47
CA ASN C 13 11.20 -20.05 -2.50
C ASN C 13 12.58 -19.44 -2.29
N ILE C 14 13.29 -19.86 -1.24
CA ILE C 14 14.67 -19.37 -0.96
C ILE C 14 15.53 -19.66 -2.19
N GLY C 15 15.66 -20.93 -2.57
CA GLY C 15 16.43 -21.31 -3.77
C GLY C 15 16.29 -20.29 -4.89
N LYS C 16 15.05 -19.94 -5.26
CA LYS C 16 14.72 -19.06 -6.42
C LYS C 16 15.48 -17.73 -6.23
N PHE C 17 15.40 -17.15 -5.02
CA PHE C 17 16.01 -15.83 -4.65
C PHE C 17 17.53 -15.99 -4.50
N THR C 18 17.97 -17.14 -3.98
CA THR C 18 19.41 -17.47 -3.86
C THR C 18 20.04 -17.50 -5.25
N VAL C 19 19.36 -18.02 -6.27
CA VAL C 19 19.88 -17.93 -7.65
C VAL C 19 20.08 -16.45 -7.96
N GLU C 20 19.04 -15.64 -7.74
CA GLU C 20 19.03 -14.19 -8.09
C GLU C 20 20.21 -13.49 -7.40
N ALA C 21 20.55 -13.92 -6.18
CA ALA C 21 21.56 -13.30 -5.29
C ALA C 21 22.97 -13.71 -5.74
N VAL C 22 23.14 -14.97 -6.13
CA VAL C 22 24.42 -15.53 -6.66
C VAL C 22 24.65 -14.92 -8.06
N GLU C 23 23.59 -14.83 -8.88
CA GLU C 23 23.66 -14.20 -10.23
C GLU C 23 24.21 -12.78 -10.10
N ALA C 24 23.99 -12.12 -8.96
CA ALA C 24 24.26 -10.67 -8.76
C ALA C 24 25.64 -10.44 -8.12
N ALA C 25 26.20 -11.46 -7.48
CA ALA C 25 27.55 -11.43 -6.88
C ALA C 25 28.61 -11.64 -7.97
N GLU C 26 29.31 -10.57 -8.38
CA GLU C 26 30.37 -10.62 -9.43
C GLU C 26 31.51 -11.54 -8.96
N ASP C 27 31.58 -11.90 -7.66
CA ASP C 27 32.66 -12.77 -7.12
C ASP C 27 32.17 -14.22 -6.97
N PHE C 28 31.07 -14.59 -7.62
CA PHE C 28 30.47 -15.94 -7.51
C PHE C 28 30.29 -16.57 -8.90
N GLU C 29 30.48 -17.88 -8.94
CA GLU C 29 30.08 -18.78 -10.05
C GLU C 29 29.05 -19.76 -9.50
N LEU C 30 27.89 -19.84 -10.15
CA LEU C 30 26.83 -20.82 -9.80
C LEU C 30 27.11 -22.10 -10.58
N VAL C 31 27.71 -23.10 -9.91
CA VAL C 31 28.04 -24.42 -10.49
C VAL C 31 26.73 -25.06 -10.94
N GLY C 32 25.83 -25.32 -9.99
CA GLY C 32 24.51 -25.90 -10.29
C GLY C 32 23.56 -25.85 -9.11
N ILE C 33 22.29 -26.14 -9.38
CA ILE C 33 21.22 -26.34 -8.35
C ILE C 33 21.09 -27.86 -8.15
N VAL C 34 20.92 -28.29 -6.90
CA VAL C 34 20.71 -29.72 -6.51
C VAL C 34 19.26 -29.86 -6.07
N ARG C 35 18.48 -30.62 -6.84
CA ARG C 35 17.06 -30.95 -6.58
C ARG C 35 16.93 -32.45 -6.32
N ARG C 36 15.91 -32.87 -5.57
CA ARG C 36 15.49 -34.30 -5.48
C ARG C 36 15.19 -34.78 -6.91
N GLN C 37 14.46 -33.97 -7.66
CA GLN C 37 13.91 -34.28 -9.00
C GLN C 37 14.85 -33.84 -10.13
N GLY C 38 16.14 -33.69 -9.87
CA GLY C 38 17.18 -33.39 -10.88
C GLY C 38 16.74 -32.40 -11.96
N ALA C 39 17.17 -32.65 -13.19
CA ALA C 39 16.95 -31.78 -14.38
C ALA C 39 15.49 -31.88 -14.85
N GLU C 40 14.71 -32.81 -14.28
CA GLU C 40 13.57 -33.50 -14.94
C GLU C 40 12.53 -32.52 -15.52
N ASN C 41 12.01 -31.58 -14.72
CA ASN C 41 11.04 -30.60 -15.24
C ASN C 41 11.68 -29.21 -15.12
N LYS C 42 12.98 -29.12 -15.43
CA LYS C 42 13.82 -27.90 -15.25
C LYS C 42 12.98 -26.68 -15.60
N PRO C 43 12.76 -25.72 -14.67
CA PRO C 43 11.99 -24.51 -14.99
C PRO C 43 12.79 -23.63 -15.95
N ALA C 44 12.08 -22.77 -16.68
CA ALA C 44 12.65 -21.85 -17.70
C ALA C 44 13.89 -21.12 -17.13
N GLU C 45 13.73 -20.46 -15.98
CA GLU C 45 14.76 -19.55 -15.40
C GLU C 45 16.02 -20.32 -14.99
N LEU C 46 15.99 -21.65 -14.97
CA LEU C 46 17.20 -22.46 -14.66
C LEU C 46 17.84 -23.00 -15.95
N ALA C 47 17.27 -22.64 -17.12
CA ALA C 47 17.84 -22.99 -18.44
C ALA C 47 19.35 -23.04 -18.32
N PRO C 48 20.05 -21.91 -18.10
CA PRO C 48 21.49 -21.84 -18.33
C PRO C 48 22.38 -22.36 -17.17
N TYR C 49 21.88 -23.26 -16.34
CA TYR C 49 22.63 -23.84 -15.20
C TYR C 49 22.43 -25.36 -15.17
N LYS C 50 23.48 -26.09 -14.79
CA LYS C 50 23.41 -27.55 -14.56
C LYS C 50 22.51 -27.77 -13.33
N VAL C 51 21.53 -28.67 -13.44
CA VAL C 51 20.68 -29.14 -12.32
C VAL C 51 20.84 -30.65 -12.16
N VAL C 52 21.03 -31.15 -10.94
CA VAL C 52 21.41 -32.56 -10.66
C VAL C 52 20.63 -33.07 -9.45
N GLN C 53 20.85 -34.32 -9.04
CA GLN C 53 20.17 -34.97 -7.88
C GLN C 53 21.13 -35.15 -6.71
N ASP C 54 22.43 -35.19 -6.98
CA ASP C 54 23.47 -35.36 -5.93
C ASP C 54 24.51 -34.29 -6.20
N ILE C 55 25.00 -33.64 -5.15
CA ILE C 55 26.05 -32.58 -5.28
C ILE C 55 27.32 -33.20 -5.91
N LYS C 56 27.55 -34.51 -5.70
CA LYS C 56 28.72 -35.26 -6.25
C LYS C 56 28.77 -35.14 -7.77
N GLU C 57 27.61 -35.00 -8.44
CA GLU C 57 27.51 -34.76 -9.91
C GLU C 57 28.16 -33.43 -10.30
N LEU C 58 28.11 -32.40 -9.44
CA LEU C 58 28.66 -31.06 -9.75
C LEU C 58 30.16 -31.06 -9.47
N GLU C 59 30.90 -30.19 -10.15
CA GLU C 59 32.39 -30.24 -10.20
C GLU C 59 32.98 -29.05 -9.43
N GLY C 60 33.94 -29.30 -8.53
CA GLY C 60 34.80 -28.26 -7.92
C GLY C 60 34.00 -27.22 -7.16
N VAL C 61 33.15 -27.70 -6.27
CA VAL C 61 32.18 -26.90 -5.48
C VAL C 61 32.88 -26.48 -4.18
N ASP C 62 32.98 -25.17 -3.93
CA ASP C 62 33.59 -24.57 -2.71
C ASP C 62 32.59 -24.61 -1.56
N VAL C 63 31.32 -24.31 -1.83
CA VAL C 63 30.29 -24.07 -0.79
C VAL C 63 28.90 -24.49 -1.32
N ALA C 64 28.19 -25.24 -0.47
CA ALA C 64 26.77 -25.62 -0.65
C ALA C 64 25.91 -24.67 0.20
N ILE C 65 25.12 -23.84 -0.49
CA ILE C 65 24.03 -23.04 0.15
C ILE C 65 22.82 -23.97 0.28
N LEU C 66 22.43 -24.27 1.52
CA LEU C 66 21.29 -25.18 1.80
C LEU C 66 20.00 -24.36 1.87
N ALA C 67 19.22 -24.38 0.79
CA ALA C 67 17.86 -23.80 0.67
C ALA C 67 16.83 -24.87 1.00
N THR C 68 17.18 -25.73 1.97
CA THR C 68 16.41 -26.89 2.43
C THR C 68 15.43 -26.44 3.52
N PRO C 69 14.43 -27.26 3.91
CA PRO C 69 13.73 -27.04 5.18
C PRO C 69 14.69 -27.15 6.37
N SER C 70 14.25 -26.67 7.54
CA SER C 70 15.07 -26.62 8.78
C SER C 70 15.29 -28.05 9.29
N ARG C 71 14.23 -28.86 9.24
CA ARG C 71 14.23 -30.28 9.68
C ARG C 71 15.27 -31.07 8.86
N SER C 72 15.59 -30.64 7.63
CA SER C 72 16.44 -31.36 6.64
C SER C 72 17.92 -30.92 6.65
N CYS C 73 18.28 -29.88 7.39
CA CYS C 73 19.58 -29.16 7.23
C CYS C 73 20.74 -30.04 7.73
N LYS C 74 20.65 -30.54 8.96
CA LYS C 74 21.71 -31.37 9.61
C LYS C 74 22.03 -32.58 8.72
N GLU C 75 20.99 -33.30 8.29
CA GLU C 75 21.10 -34.51 7.42
C GLU C 75 21.94 -34.19 6.17
N TYR C 76 21.59 -33.11 5.44
CA TYR C 76 22.25 -32.69 4.18
C TYR C 76 23.66 -32.17 4.46
N ALA C 77 23.85 -31.52 5.60
CA ALA C 77 25.15 -30.98 6.02
C ALA C 77 26.10 -32.15 6.26
N GLU C 78 25.71 -33.08 7.14
CA GLU C 78 26.47 -34.31 7.49
C GLU C 78 26.82 -35.06 6.19
N LYS C 79 25.94 -35.02 5.20
CA LYS C 79 26.15 -35.64 3.86
C LYS C 79 27.22 -34.87 3.06
N ILE C 80 27.18 -33.52 3.02
CA ILE C 80 27.97 -32.67 2.07
C ILE C 80 29.37 -32.31 2.63
N LEU C 81 29.60 -32.43 3.94
CA LEU C 81 30.88 -32.04 4.60
C LEU C 81 32.00 -33.03 4.28
N PRO C 82 31.84 -34.36 4.52
CA PRO C 82 32.86 -35.34 4.16
C PRO C 82 33.51 -35.11 2.79
N LEU C 83 32.69 -34.66 1.83
CA LEU C 83 33.08 -34.35 0.43
C LEU C 83 34.05 -33.16 0.42
N GLY C 84 34.33 -32.55 1.58
CA GLY C 84 35.29 -31.43 1.74
C GLY C 84 34.66 -30.06 1.45
N ILE C 85 33.33 -30.00 1.28
CA ILE C 85 32.57 -28.80 0.82
C ILE C 85 31.98 -28.05 2.02
N ASN C 86 31.84 -26.73 1.89
CA ASN C 86 31.39 -25.84 2.99
C ASN C 86 29.86 -25.68 2.89
N THR C 87 29.19 -25.55 4.04
CA THR C 87 27.71 -25.58 4.15
C THR C 87 27.20 -24.38 4.95
N VAL C 88 26.58 -23.45 4.25
CA VAL C 88 25.80 -22.34 4.87
C VAL C 88 24.32 -22.74 4.85
N ASP C 89 23.55 -22.31 5.84
CA ASP C 89 22.10 -22.62 5.95
C ASP C 89 21.41 -21.58 6.85
N SER C 90 20.10 -21.43 6.69
CA SER C 90 19.27 -20.44 7.46
C SER C 90 18.44 -21.19 8.51
N PHE C 91 19.00 -22.27 9.07
CA PHE C 91 18.32 -23.11 10.08
C PHE C 91 17.74 -22.17 11.14
N ASP C 92 16.45 -22.29 11.45
CA ASP C 92 15.69 -21.19 12.11
C ASP C 92 14.95 -21.67 13.38
N ILE C 93 15.40 -22.74 14.02
CA ILE C 93 14.75 -23.25 15.28
C ILE C 93 15.60 -22.80 16.47
N HIS C 94 15.33 -21.60 17.01
CA HIS C 94 16.24 -20.86 17.92
C HIS C 94 16.75 -21.84 18.98
N THR C 95 15.87 -22.71 19.48
CA THR C 95 16.11 -23.60 20.64
C THR C 95 17.19 -24.67 20.33
N ASP C 96 17.25 -25.22 19.12
CA ASP C 96 18.16 -26.34 18.74
C ASP C 96 19.57 -25.85 18.34
N ILE C 97 19.77 -24.54 18.17
CA ILE C 97 20.95 -23.97 17.48
C ILE C 97 22.23 -24.41 18.19
N VAL C 98 22.24 -24.45 19.52
CA VAL C 98 23.43 -24.88 20.33
C VAL C 98 23.78 -26.32 19.95
N ASP C 99 22.81 -27.23 19.95
CA ASP C 99 23.01 -28.69 19.68
C ASP C 99 23.47 -28.88 18.24
N TYR C 100 22.77 -28.27 17.28
CA TYR C 100 23.10 -28.31 15.83
C TYR C 100 24.52 -27.80 15.62
N ARG C 101 24.97 -26.82 16.42
CA ARG C 101 26.35 -26.27 16.31
C ARG C 101 27.34 -27.34 16.76
N SER C 102 27.18 -27.83 17.99
CA SER C 102 28.11 -28.78 18.65
C SER C 102 28.08 -30.13 17.91
N ALA C 103 27.04 -30.40 17.10
CA ALA C 103 26.93 -31.56 16.18
C ALA C 103 27.94 -31.44 15.02
N LEU C 104 27.79 -30.46 14.14
CA LEU C 104 28.70 -30.26 12.98
C LEU C 104 30.14 -29.96 13.46
N MET C 105 30.30 -29.44 14.69
CA MET C 105 31.59 -28.86 15.13
C MET C 105 32.71 -29.82 14.76
N PRO C 106 32.81 -31.02 15.40
CA PRO C 106 33.94 -31.92 15.19
C PRO C 106 34.02 -32.40 13.73
N LEU C 107 32.86 -32.71 13.13
CA LEU C 107 32.74 -33.20 11.73
C LEU C 107 33.37 -32.20 10.74
N CYS C 108 33.19 -30.90 10.98
CA CYS C 108 33.74 -29.81 10.12
C CYS C 108 35.28 -29.85 10.18
N LYS C 109 35.82 -30.00 11.39
CA LYS C 109 37.27 -29.93 11.70
C LYS C 109 37.99 -31.10 11.04
N GLU C 110 37.57 -32.32 11.41
CA GLU C 110 38.00 -33.63 10.85
C GLU C 110 38.12 -33.55 9.32
N HIS C 111 37.20 -32.83 8.64
CA HIS C 111 37.16 -32.71 7.15
C HIS C 111 37.66 -31.35 6.65
N HIS C 112 38.48 -30.64 7.45
CA HIS C 112 39.13 -29.34 7.11
C HIS C 112 38.19 -28.53 6.18
N ALA C 113 37.00 -28.17 6.69
CA ALA C 113 35.94 -27.41 5.98
C ALA C 113 35.04 -26.68 6.99
N VAL C 114 34.28 -25.69 6.51
CA VAL C 114 33.53 -24.69 7.35
C VAL C 114 32.01 -24.79 7.11
N SER C 115 31.25 -24.87 8.20
CA SER C 115 29.76 -24.77 8.24
C SER C 115 29.37 -23.49 8.96
N ILE C 116 28.61 -22.61 8.31
CA ILE C 116 27.90 -21.46 8.96
C ILE C 116 26.40 -21.79 8.97
N ILE C 117 25.82 -21.78 10.17
CA ILE C 117 24.43 -22.24 10.47
C ILE C 117 23.57 -21.05 10.92
N SER C 118 22.25 -21.18 10.79
CA SER C 118 21.28 -20.18 11.29
C SER C 118 21.71 -18.79 10.82
N ALA C 119 21.74 -18.63 9.48
CA ALA C 119 22.24 -17.45 8.76
C ALA C 119 21.19 -16.92 7.77
N GLY C 120 20.01 -16.59 8.29
CA GLY C 120 19.01 -15.76 7.59
C GLY C 120 19.05 -14.35 8.13
N TRP C 121 17.91 -13.67 8.23
CA TRP C 121 17.86 -12.34 8.89
C TRP C 121 17.51 -12.49 10.37
N ASP C 122 16.78 -13.55 10.74
CA ASP C 122 16.51 -13.87 12.17
C ASP C 122 16.14 -15.34 12.31
N PRO C 123 17.05 -16.22 12.76
CA PRO C 123 18.41 -15.85 13.16
C PRO C 123 19.32 -15.59 11.96
N GLY C 124 20.47 -14.96 12.25
CA GLY C 124 21.42 -14.42 11.25
C GLY C 124 21.67 -12.93 11.49
N SER C 125 21.46 -12.10 10.45
CA SER C 125 21.56 -10.62 10.47
C SER C 125 21.23 -10.10 11.86
N ASP C 126 19.98 -10.27 12.29
CA ASP C 126 19.47 -9.67 13.56
C ASP C 126 20.25 -10.21 14.75
N SER C 127 20.72 -11.45 14.68
CA SER C 127 21.48 -12.09 15.79
C SER C 127 22.75 -11.26 16.04
N VAL C 128 23.36 -10.71 14.98
CA VAL C 128 24.57 -9.83 15.04
C VAL C 128 24.17 -8.53 15.75
N VAL C 129 23.17 -7.84 15.23
CA VAL C 129 22.74 -6.51 15.75
C VAL C 129 22.40 -6.67 17.24
N ARG C 130 21.64 -7.70 17.57
CA ARG C 130 21.15 -7.98 18.93
C ARG C 130 22.34 -8.12 19.89
N THR C 131 23.40 -8.76 19.38
CA THR C 131 24.67 -9.07 20.11
C THR C 131 25.46 -7.77 20.31
N LEU C 132 25.70 -7.00 19.24
CA LEU C 132 26.37 -5.66 19.32
C LEU C 132 25.63 -4.80 20.35
N MET C 133 24.30 -4.70 20.21
CA MET C 133 23.41 -3.91 21.10
C MET C 133 23.62 -4.35 22.54
N GLN C 134 23.67 -5.67 22.81
CA GLN C 134 23.90 -6.21 24.18
C GLN C 134 25.20 -5.62 24.73
N SER C 135 26.24 -5.65 23.89
CA SER C 135 27.61 -5.17 24.21
C SER C 135 27.55 -3.68 24.56
N LEU C 136 26.81 -2.88 23.79
CA LEU C 136 26.77 -1.40 23.97
C LEU C 136 26.24 -1.05 25.36
N ALA C 137 25.37 -1.87 25.96
CA ALA C 137 24.84 -1.65 27.32
C ALA C 137 24.49 -2.98 27.99
N PRO C 138 25.49 -3.70 28.52
CA PRO C 138 25.29 -5.06 29.02
C PRO C 138 24.36 -5.22 30.24
N LYS C 139 23.85 -4.15 30.85
CA LYS C 139 22.77 -4.28 31.86
C LYS C 139 21.51 -3.63 31.28
N GLY C 140 20.36 -4.31 31.41
CA GLY C 140 19.06 -3.83 30.92
C GLY C 140 18.32 -4.89 30.12
N LEU C 141 17.48 -4.46 29.18
CA LEU C 141 16.49 -5.31 28.46
C LEU C 141 16.55 -5.08 26.94
N SER C 142 16.54 -6.18 26.18
CA SER C 142 16.48 -6.20 24.70
C SER C 142 15.15 -6.81 24.29
N TYR C 143 14.61 -6.37 23.17
CA TYR C 143 13.27 -6.77 22.68
C TYR C 143 13.34 -6.97 21.17
N THR C 144 12.91 -8.15 20.71
CA THR C 144 12.81 -8.48 19.27
C THR C 144 11.33 -8.44 18.86
N ASN C 145 11.00 -7.58 17.89
CA ASN C 145 9.61 -7.23 17.50
C ASN C 145 9.43 -7.47 16.00
N PHE C 146 8.88 -8.63 15.64
CA PHE C 146 8.70 -9.09 14.24
C PHE C 146 7.41 -8.53 13.65
N GLY C 147 7.49 -8.17 12.38
CA GLY C 147 6.31 -7.88 11.54
C GLY C 147 6.07 -6.39 11.40
N PRO C 148 5.00 -5.99 10.68
CA PRO C 148 4.04 -6.95 10.14
C PRO C 148 4.61 -7.81 9.00
N GLY C 149 4.38 -9.13 9.05
CA GLY C 149 4.78 -10.10 8.02
C GLY C 149 4.14 -11.48 8.21
N MET C 150 4.19 -12.32 7.17
CA MET C 150 3.64 -13.69 7.17
C MET C 150 4.47 -14.59 8.09
N SER C 151 3.85 -15.59 8.73
CA SER C 151 4.53 -16.58 9.61
C SER C 151 4.38 -18.00 9.06
N MET C 152 5.41 -18.53 8.40
CA MET C 152 5.44 -19.92 7.87
C MET C 152 4.87 -20.88 8.93
N GLY C 153 5.43 -20.85 10.14
CA GLY C 153 5.09 -21.80 11.22
C GLY C 153 3.62 -21.74 11.61
N HIS C 154 3.15 -20.55 12.00
CA HIS C 154 1.75 -20.29 12.46
C HIS C 154 0.78 -20.51 11.28
N SER C 155 1.13 -20.09 10.06
CA SER C 155 0.37 -20.35 8.82
C SER C 155 0.07 -21.86 8.71
N VAL C 156 1.09 -22.68 8.91
CA VAL C 156 1.04 -24.18 8.82
C VAL C 156 0.13 -24.70 9.95
N CYS C 157 0.44 -24.31 11.18
CA CYS C 157 -0.23 -24.79 12.41
C CYS C 157 -1.72 -24.43 12.40
N ALA C 158 -2.16 -23.60 11.45
CA ALA C 158 -3.57 -23.18 11.31
C ALA C 158 -4.24 -24.01 10.23
N ARG C 159 -3.57 -24.25 9.09
CA ARG C 159 -4.06 -25.17 8.02
C ARG C 159 -4.35 -26.54 8.64
N SER C 160 -3.49 -26.98 9.58
CA SER C 160 -3.52 -28.31 10.22
C SER C 160 -4.86 -28.54 10.95
N LYS C 161 -5.54 -27.48 11.38
CA LYS C 161 -6.77 -27.59 12.22
C LYS C 161 -7.98 -27.88 11.30
N LYS C 162 -9.01 -28.49 11.91
CA LYS C 162 -10.26 -28.96 11.27
C LYS C 162 -11.09 -27.76 10.81
N GLY C 163 -11.62 -27.84 9.59
CA GLY C 163 -12.53 -26.85 8.98
C GLY C 163 -11.77 -25.87 8.11
N VAL C 164 -10.44 -25.98 8.11
CA VAL C 164 -9.50 -24.96 7.54
C VAL C 164 -8.98 -25.51 6.21
N LYS C 165 -9.54 -25.02 5.10
CA LYS C 165 -9.08 -25.41 3.73
C LYS C 165 -7.67 -24.82 3.52
N ASN C 166 -7.59 -23.49 3.57
CA ASN C 166 -6.32 -22.71 3.49
C ASN C 166 -6.25 -21.79 4.71
N ALA C 167 -5.05 -21.28 5.06
CA ALA C 167 -4.86 -20.31 6.16
C ALA C 167 -3.48 -19.66 6.05
N LEU C 168 -3.44 -18.35 6.28
CA LEU C 168 -2.21 -17.52 6.42
C LEU C 168 -2.28 -16.80 7.77
N SER C 169 -1.25 -16.97 8.63
CA SER C 169 -1.13 -16.26 9.93
C SER C 169 -0.16 -15.08 9.79
N MET C 170 -0.66 -13.84 9.88
CA MET C 170 0.18 -12.62 9.98
C MET C 170 0.68 -12.47 11.44
N THR C 171 1.90 -11.96 11.59
CA THR C 171 2.55 -11.70 12.90
C THR C 171 2.76 -10.19 13.01
N ILE C 172 2.17 -9.62 14.05
CA ILE C 172 2.05 -8.15 14.27
C ILE C 172 2.76 -7.82 15.57
N PRO C 173 3.74 -6.89 15.53
CA PRO C 173 4.49 -6.52 16.73
C PRO C 173 3.69 -5.52 17.56
N LEU C 174 3.52 -5.80 18.87
CA LEU C 174 2.86 -4.85 19.82
C LEU C 174 3.91 -4.35 20.80
N GLY C 175 5.21 -4.55 20.49
CA GLY C 175 6.34 -3.98 21.25
C GLY C 175 6.74 -4.86 22.43
N GLU C 176 8.00 -4.75 22.88
CA GLU C 176 8.48 -5.43 24.11
C GLU C 176 8.37 -6.95 23.90
N GLY C 177 8.52 -7.43 22.66
CA GLY C 177 8.55 -8.89 22.36
C GLY C 177 7.15 -9.50 22.26
N ILE C 178 6.14 -8.79 22.74
CA ILE C 178 4.69 -9.16 22.63
C ILE C 178 4.24 -8.99 21.17
N HIS C 179 3.41 -9.93 20.71
CA HIS C 179 2.87 -9.96 19.33
C HIS C 179 1.36 -10.26 19.31
N ARG C 180 0.75 -9.87 18.18
CA ARG C 180 -0.64 -10.16 17.79
C ARG C 180 -0.60 -11.10 16.58
N ARG C 181 -1.51 -12.08 16.56
CA ARG C 181 -1.72 -13.01 15.42
C ARG C 181 -3.02 -12.61 14.70
N MET C 182 -2.93 -12.17 13.46
CA MET C 182 -4.08 -12.01 12.54
C MET C 182 -4.06 -13.24 11.64
N VAL C 183 -4.95 -14.21 11.87
CA VAL C 183 -5.11 -15.42 11.01
C VAL C 183 -6.26 -15.17 10.04
N TYR C 184 -6.04 -15.42 8.75
CA TYR C 184 -7.05 -15.31 7.66
C TYR C 184 -7.28 -16.73 7.15
N VAL C 185 -8.54 -17.17 7.04
CA VAL C 185 -8.90 -18.59 6.68
C VAL C 185 -9.90 -18.64 5.51
N GLU C 186 -9.74 -19.68 4.69
CA GLU C 186 -10.76 -20.28 3.80
C GLU C 186 -11.41 -21.44 4.59
N LEU C 187 -12.69 -21.29 4.91
CA LEU C 187 -13.47 -22.33 5.64
C LEU C 187 -13.77 -23.47 4.66
N GLU C 188 -13.50 -24.72 5.06
CA GLU C 188 -14.02 -25.92 4.33
C GLU C 188 -15.55 -25.89 4.44
N GLU C 189 -16.24 -25.92 3.31
CA GLU C 189 -17.71 -25.78 3.20
C GLU C 189 -18.35 -26.67 4.27
N GLY C 190 -19.06 -26.10 5.25
CA GLY C 190 -19.74 -26.87 6.32
C GLY C 190 -19.33 -26.42 7.71
N ALA C 191 -18.02 -26.40 8.02
CA ALA C 191 -17.44 -25.86 9.28
C ALA C 191 -17.72 -24.36 9.39
N THR C 192 -17.68 -23.80 10.61
CA THR C 192 -18.04 -22.38 10.90
C THR C 192 -16.80 -21.63 11.42
N LEU C 193 -16.81 -20.29 11.36
CA LEU C 193 -15.69 -19.44 11.83
C LEU C 193 -15.41 -19.74 13.31
N ASP C 194 -16.43 -19.88 14.14
CA ASP C 194 -16.28 -20.03 15.61
C ASP C 194 -15.63 -21.38 15.90
N GLU C 195 -16.10 -22.45 15.28
CA GLU C 195 -15.54 -23.82 15.45
C GLU C 195 -14.03 -23.76 15.21
N VAL C 196 -13.65 -23.25 14.04
CA VAL C 196 -12.24 -23.09 13.57
C VAL C 196 -11.46 -22.20 14.57
N THR C 197 -11.99 -21.02 14.88
CA THR C 197 -11.42 -20.05 15.86
C THR C 197 -11.10 -20.79 17.17
N LYS C 198 -12.08 -21.41 17.81
CA LYS C 198 -11.90 -22.22 19.06
C LYS C 198 -10.74 -23.20 18.86
N GLU C 199 -10.69 -23.84 17.68
CA GLU C 199 -9.78 -24.95 17.32
C GLU C 199 -8.34 -24.42 17.23
N ILE C 200 -8.16 -23.21 16.69
CA ILE C 200 -6.85 -22.52 16.57
C ILE C 200 -6.37 -22.09 17.96
N LYS C 201 -7.14 -21.21 18.63
CA LYS C 201 -6.78 -20.54 19.91
C LYS C 201 -6.41 -21.58 20.96
N ALA C 202 -6.93 -22.81 20.86
CA ALA C 202 -6.66 -23.91 21.81
C ALA C 202 -5.16 -24.26 21.78
N ASP C 203 -4.56 -24.24 20.59
CA ASP C 203 -3.17 -24.65 20.31
C ASP C 203 -2.19 -23.72 20.99
N PRO C 204 -1.16 -24.25 21.68
CA PRO C 204 -0.07 -23.45 22.25
C PRO C 204 0.55 -22.32 21.41
N TYR C 205 0.64 -22.50 20.08
CA TYR C 205 1.17 -21.51 19.12
C TYR C 205 0.37 -20.18 19.15
N PHE C 206 -0.85 -20.23 19.65
CA PHE C 206 -1.82 -19.10 19.60
C PHE C 206 -2.39 -18.77 20.98
N ALA C 207 -2.41 -19.73 21.91
CA ALA C 207 -3.20 -19.63 23.16
C ALA C 207 -2.58 -18.56 24.07
N HIS C 208 -1.32 -18.16 23.85
CA HIS C 208 -0.56 -17.24 24.73
C HIS C 208 -0.39 -15.87 24.07
N ASP C 209 -1.03 -15.63 22.92
CA ASP C 209 -0.93 -14.36 22.15
C ASP C 209 -2.33 -13.89 21.75
N GLU C 210 -2.56 -12.58 21.74
CA GLU C 210 -3.79 -11.97 21.18
C GLU C 210 -3.97 -12.47 19.74
N THR C 211 -5.04 -13.22 19.47
CA THR C 211 -5.33 -13.85 18.14
C THR C 211 -6.70 -13.39 17.62
N HIS C 212 -6.76 -12.98 16.35
CA HIS C 212 -8.00 -12.63 15.64
C HIS C 212 -8.09 -13.51 14.39
N VAL C 213 -9.16 -14.29 14.26
CA VAL C 213 -9.35 -15.22 13.11
C VAL C 213 -10.48 -14.66 12.25
N MET C 214 -10.19 -14.37 10.99
CA MET C 214 -11.14 -13.84 9.97
C MET C 214 -11.25 -14.88 8.85
N ALA C 215 -12.42 -14.95 8.22
CA ALA C 215 -12.68 -15.80 7.03
C ALA C 215 -12.66 -14.92 5.77
N VAL C 216 -11.98 -15.36 4.71
CA VAL C 216 -11.84 -14.61 3.42
C VAL C 216 -11.97 -15.57 2.24
N ASP C 217 -12.39 -15.02 1.08
CA ASP C 217 -12.54 -15.73 -0.21
C ASP C 217 -11.24 -16.46 -0.56
N SER C 218 -10.16 -15.70 -0.80
CA SER C 218 -8.84 -16.23 -1.26
C SER C 218 -7.75 -15.85 -0.26
N VAL C 219 -7.04 -16.85 0.28
CA VAL C 219 -5.84 -16.64 1.13
C VAL C 219 -4.72 -16.07 0.26
N ASP C 220 -4.54 -16.61 -0.95
CA ASP C 220 -3.49 -16.14 -1.90
C ASP C 220 -3.69 -14.65 -2.19
N ALA C 221 -4.91 -14.13 -2.09
CA ALA C 221 -5.25 -12.72 -2.42
C ALA C 221 -4.82 -11.79 -1.29
N VAL C 222 -4.42 -12.31 -0.13
CA VAL C 222 -4.00 -11.47 1.03
C VAL C 222 -2.53 -11.70 1.35
N LYS C 223 -1.85 -12.64 0.66
CA LYS C 223 -0.42 -13.00 0.87
C LYS C 223 0.51 -11.88 0.39
N ASP C 224 1.68 -11.74 1.04
CA ASP C 224 2.75 -10.78 0.65
C ASP C 224 4.02 -11.09 1.45
N MET C 225 5.16 -11.13 0.77
CA MET C 225 6.45 -11.61 1.34
C MET C 225 7.16 -10.47 2.09
N GLY C 226 6.62 -9.25 2.01
CA GLY C 226 6.96 -8.19 2.98
C GLY C 226 7.05 -8.73 4.40
N HIS C 227 7.84 -8.04 5.21
CA HIS C 227 8.16 -8.41 6.60
C HIS C 227 9.05 -7.32 7.21
N GLY C 228 9.33 -7.39 8.52
CA GLY C 228 10.08 -6.34 9.23
C GLY C 228 10.58 -6.81 10.58
N VAL C 229 11.38 -5.97 11.24
CA VAL C 229 11.74 -6.18 12.67
C VAL C 229 12.06 -4.81 13.30
N HIS C 230 11.75 -4.68 14.59
CA HIS C 230 12.18 -3.57 15.49
C HIS C 230 12.90 -4.22 16.68
N LEU C 231 14.24 -4.22 16.64
CA LEU C 231 15.15 -4.55 17.76
C LEU C 231 15.36 -3.29 18.59
N VAL C 232 15.29 -3.43 19.90
CA VAL C 232 15.26 -2.31 20.88
C VAL C 232 16.05 -2.73 22.12
N ARG C 233 16.97 -1.89 22.57
CA ARG C 233 17.68 -2.07 23.87
C ARG C 233 17.68 -0.74 24.61
N LYS C 234 17.22 -0.77 25.86
CA LYS C 234 17.38 0.32 26.86
C LYS C 234 18.16 -0.30 28.03
N GLY C 235 19.27 0.31 28.42
CA GLY C 235 20.16 -0.22 29.46
C GLY C 235 21.29 0.72 29.82
N VAL C 236 22.36 0.14 30.34
CA VAL C 236 23.43 0.82 31.13
C VAL C 236 24.78 0.59 30.44
N SER C 237 25.43 1.66 29.98
CA SER C 237 26.87 1.64 29.60
C SER C 237 27.66 2.01 30.85
N GLY C 238 28.64 1.19 31.24
CA GLY C 238 29.35 1.31 32.52
C GLY C 238 28.38 1.34 33.67
N LYS C 239 28.19 2.50 34.30
CA LYS C 239 27.08 2.67 35.26
C LYS C 239 26.26 3.92 34.90
N THR C 240 26.31 4.34 33.63
CA THR C 240 25.51 5.47 33.08
C THR C 240 24.17 4.93 32.56
N GLN C 241 23.05 5.37 33.15
CA GLN C 241 21.70 4.82 32.84
C GLN C 241 21.18 5.37 31.49
N ASN C 242 20.08 4.78 31.04
CA ASN C 242 19.13 5.31 30.02
C ASN C 242 19.80 5.42 28.65
N GLN C 243 20.69 4.49 28.31
CA GLN C 243 21.31 4.35 26.96
C GLN C 243 20.33 3.61 26.05
N ARG C 244 19.99 4.20 24.89
CA ARG C 244 18.88 3.72 24.03
C ARG C 244 19.38 3.54 22.60
N MET C 245 18.88 2.49 21.94
CA MET C 245 19.27 2.10 20.55
C MET C 245 18.14 1.25 19.95
N GLU C 246 17.85 1.49 18.68
CA GLU C 246 16.81 0.80 17.87
C GLU C 246 17.47 0.34 16.58
N PHE C 247 17.10 -0.83 16.09
CA PHE C 247 17.38 -1.29 14.70
C PHE C 247 16.05 -1.72 14.10
N SER C 248 15.76 -1.32 12.87
CA SER C 248 14.47 -1.57 12.18
C SER C 248 14.72 -2.01 10.73
N MET C 249 13.85 -2.84 10.16
CA MET C 249 13.88 -3.21 8.72
C MET C 249 12.45 -3.16 8.18
N SER C 250 12.34 -2.80 6.91
CA SER C 250 11.16 -3.02 6.05
C SER C 250 11.65 -3.75 4.80
N ILE C 251 11.56 -5.08 4.78
CA ILE C 251 12.24 -5.91 3.74
C ILE C 251 11.31 -6.98 3.15
N ASN C 252 11.72 -7.50 1.99
CA ASN C 252 11.20 -8.75 1.40
C ASN C 252 11.92 -9.92 2.08
N ASN C 253 11.21 -10.66 2.92
CA ASN C 253 11.74 -11.75 3.78
C ASN C 253 12.68 -12.69 3.00
N PRO C 254 12.17 -13.52 2.07
CA PRO C 254 13.00 -14.58 1.46
C PRO C 254 14.14 -14.02 0.58
N ALA C 255 13.91 -12.86 -0.05
CA ALA C 255 14.90 -12.14 -0.87
C ALA C 255 16.15 -11.83 -0.03
N LEU C 256 15.94 -11.42 1.23
CA LEU C 256 17.01 -10.98 2.17
C LEU C 256 17.70 -12.22 2.72
N THR C 257 16.94 -13.21 3.16
CA THR C 257 17.49 -14.51 3.64
C THR C 257 18.47 -15.08 2.60
N ALA C 258 18.11 -15.02 1.31
CA ALA C 258 18.95 -15.46 0.17
C ALA C 258 20.29 -14.70 0.22
N GLN C 259 20.23 -13.37 0.18
CA GLN C 259 21.41 -12.48 0.11
C GLN C 259 22.33 -12.73 1.31
N VAL C 260 21.79 -12.96 2.50
CA VAL C 260 22.60 -13.28 3.71
C VAL C 260 23.31 -14.62 3.48
N LEU C 261 22.61 -15.63 2.95
CA LEU C 261 23.18 -16.97 2.65
C LEU C 261 24.40 -16.82 1.73
N VAL C 262 24.25 -16.09 0.62
CA VAL C 262 25.38 -15.76 -0.29
C VAL C 262 26.51 -15.13 0.55
N ASN C 263 26.17 -14.20 1.43
CA ASN C 263 27.15 -13.45 2.25
C ASN C 263 27.93 -14.44 3.12
N VAL C 264 27.26 -15.35 3.82
CA VAL C 264 27.93 -16.33 4.73
C VAL C 264 28.62 -17.42 3.90
N ALA C 265 28.19 -17.64 2.65
CA ALA C 265 28.91 -18.49 1.68
C ALA C 265 30.28 -17.86 1.44
N ARG C 266 30.29 -16.60 0.99
CA ARG C 266 31.53 -15.78 0.81
C ARG C 266 32.38 -15.80 2.09
N ALA C 267 31.76 -15.74 3.25
CA ALA C 267 32.46 -15.58 4.54
C ALA C 267 33.12 -16.89 4.96
N SER C 268 32.61 -18.03 4.52
CA SER C 268 33.10 -19.38 4.95
C SER C 268 34.51 -19.62 4.37
N MET C 269 34.78 -19.01 3.22
CA MET C 269 36.08 -19.04 2.50
C MET C 269 37.19 -18.30 3.28
N HIS C 270 36.95 -17.80 4.50
CA HIS C 270 37.99 -17.10 5.29
C HIS C 270 37.91 -17.50 6.77
N GLN C 271 37.66 -18.77 7.11
CA GLN C 271 37.53 -19.19 8.53
C GLN C 271 38.28 -20.51 8.79
N GLN C 272 38.97 -20.60 9.94
CA GLN C 272 39.55 -21.86 10.46
C GLN C 272 38.44 -22.91 10.46
N PRO C 273 38.69 -24.11 9.87
CA PRO C 273 37.66 -25.15 9.83
C PRO C 273 36.90 -25.32 11.15
N GLY C 274 35.55 -25.41 11.08
CA GLY C 274 34.63 -25.49 12.24
C GLY C 274 33.23 -24.99 11.94
N CYS C 275 32.32 -25.07 12.93
CA CYS C 275 30.92 -24.61 12.84
C CYS C 275 30.77 -23.24 13.50
N TYR C 276 30.03 -22.34 12.84
CA TYR C 276 29.88 -20.92 13.22
C TYR C 276 28.42 -20.43 13.07
N THR C 277 27.89 -19.83 14.15
CA THR C 277 26.75 -18.87 14.11
C THR C 277 27.29 -17.52 13.62
N MET C 278 26.42 -16.69 13.04
CA MET C 278 26.82 -15.41 12.39
C MET C 278 27.45 -14.44 13.42
N VAL C 279 27.20 -14.61 14.73
CA VAL C 279 27.81 -13.76 15.80
C VAL C 279 29.28 -14.12 15.96
N GLU C 280 29.73 -15.20 15.32
CA GLU C 280 31.13 -15.68 15.43
C GLU C 280 31.92 -15.26 14.19
N ILE C 281 31.32 -14.52 13.25
CA ILE C 281 31.95 -14.14 11.95
C ILE C 281 32.16 -12.63 11.89
N PRO C 282 33.40 -12.14 11.65
CA PRO C 282 33.62 -10.72 11.39
C PRO C 282 32.71 -10.22 10.27
N VAL C 283 31.96 -9.18 10.56
CA VAL C 283 30.90 -8.68 9.63
C VAL C 283 31.55 -8.23 8.31
N ILE C 284 32.87 -7.95 8.30
CA ILE C 284 33.57 -7.52 7.06
C ILE C 284 33.68 -8.70 6.09
N ASP C 285 33.75 -9.93 6.60
CA ASP C 285 33.93 -11.14 5.77
C ASP C 285 32.69 -11.34 4.90
N LEU C 286 31.55 -10.76 5.34
CA LEU C 286 30.22 -10.88 4.67
C LEU C 286 30.24 -10.12 3.35
N LEU C 287 31.15 -9.15 3.20
CA LEU C 287 31.22 -8.25 2.02
C LEU C 287 32.32 -8.69 1.06
N ALA C 288 32.12 -8.39 -0.23
CA ALA C 288 33.09 -8.55 -1.33
C ALA C 288 34.07 -7.39 -1.33
N GLY C 289 35.36 -7.66 -1.61
CA GLY C 289 36.43 -6.66 -1.79
C GLY C 289 37.58 -6.81 -0.80
N GLU C 290 38.60 -5.98 -0.98
CA GLU C 290 39.84 -5.94 -0.16
C GLU C 290 39.54 -5.29 1.19
N ARG C 291 39.86 -5.97 2.30
CA ARG C 291 39.69 -5.45 3.69
C ARG C 291 40.07 -3.96 3.76
N GLU C 292 41.20 -3.58 3.17
CA GLU C 292 41.73 -2.20 3.29
C GLU C 292 40.74 -1.24 2.61
N ASP C 293 40.32 -1.55 1.38
CA ASP C 293 39.31 -0.74 0.63
C ASP C 293 37.99 -0.64 1.40
N LEU C 294 37.54 -1.73 2.01
CA LEU C 294 36.26 -1.80 2.76
C LEU C 294 36.39 -0.97 4.04
N ILE C 295 37.51 -1.07 4.75
CA ILE C 295 37.76 -0.29 6.00
C ILE C 295 37.76 1.21 5.67
N LYS C 296 38.40 1.59 4.57
CA LYS C 296 38.47 3.01 4.08
C LYS C 296 37.04 3.53 3.91
N ALA C 297 36.12 2.70 3.42
CA ALA C 297 34.74 3.09 3.04
C ALA C 297 33.85 3.16 4.28
N LEU C 298 33.93 2.20 5.20
CA LEU C 298 32.87 1.91 6.21
C LEU C 298 33.28 2.29 7.65
N VAL C 299 34.57 2.27 7.97
CA VAL C 299 35.03 2.56 9.37
C VAL C 299 35.47 4.02 9.40
#